data_4URL
#
_entry.id   4URL
#
_cell.length_a   54.449
_cell.length_b   136.809
_cell.length_c   69.191
_cell.angle_alpha   90.00
_cell.angle_beta   111.92
_cell.angle_gamma   90.00
#
_symmetry.space_group_name_H-M   'P 1 21 1'
#
loop_
_entity.id
_entity.type
_entity.pdbx_description
1 polymer 'DNA TOPOISOMERASE IV, B SUBUNIT'
2 non-polymer '(1R,4aS,5S,6S,8aR)-5-{[(5S)-1-(3-O-acetyl-4-O-carbamoyl-6-deoxy-2-O-methyl-alpha-L-talopyranosyl)-4-hydroxy-2-oxo-5-(propan-2-yl)-2,5-dihydro-1H-pyrrol-3-yl]carbonyl}-6-methyl-4-methylidene-1,2,3,4,4a,5,6,8a-octahydronaphthalen-1-yl 2,6-dideoxy-3-C-[(1S)-1-{[(3,4-dichloro-5-methyl-1H-pyrrol-2-yl)carbonyl]amino}ethyl]-beta-D-ribo-hexopyranoside'
3 water water
#
_entity_poly.entity_id   1
_entity_poly.type   'polypeptide(L)'
_entity_poly.pdbx_seq_one_letter_code
;MAMNKQNNYSDDSIQVLEGLEAVRKRPGMYIGSTDKRGLHHLVYEIVDNSVDEVLNGYGNEIDVTINKDGSISIEDNGRG
MPTGIHKSGKPTVEVIFTVLHAGGKFGQGGYKTSGGLHGVGASVVNALSEWLEVEIHRDGNIYHQSFKNGGSPSSGLVKK
GKTKKTGTKVTFKPDDTIFKASTSFNFDVLSERLQESAFLLKNLKITLNDLRSGKERQEHYHYEEGIKEFVSYVNEGKEV
LHDVATFSGEANGIEVDVAFQYNDQYSESILSFVNNVRTKDGGTHEVGFKTAMTRVFNDYARRINELKTKDKNLDGNDIR
EGLTAVVSVRIPEELLQFEGQTKSKLGTSEARSAVDSVVADKLPFYLEEKGQLSKSLVKKAIKAQQAREAARKAREDARS
GKKNKR
;
_entity_poly.pdbx_strand_id   A,B
#
# COMPACT_ATOMS: atom_id res chain seq x y z
N GLU A 18 22.54 -14.44 -12.46
CA GLU A 18 23.36 -14.71 -11.28
C GLU A 18 22.97 -13.77 -10.13
N GLY A 19 21.74 -13.95 -9.62
CA GLY A 19 21.18 -13.14 -8.54
C GLY A 19 20.59 -11.84 -9.04
N LEU A 20 21.34 -11.13 -9.91
CA LEU A 20 20.91 -9.89 -10.55
C LEU A 20 19.89 -10.24 -11.63
N GLU A 21 19.95 -11.47 -12.16
CA GLU A 21 19.04 -11.98 -13.19
C GLU A 21 17.62 -12.19 -12.63
N ALA A 22 17.50 -12.40 -11.30
CA ALA A 22 16.23 -12.55 -10.57
C ALA A 22 15.57 -11.17 -10.49
N VAL A 23 16.40 -10.10 -10.30
CA VAL A 23 15.96 -8.70 -10.24
C VAL A 23 15.47 -8.30 -11.65
N ARG A 24 16.20 -8.70 -12.70
CA ARG A 24 15.88 -8.41 -14.10
C ARG A 24 14.58 -9.07 -14.60
N LYS A 25 14.21 -10.25 -14.04
CA LYS A 25 13.00 -10.99 -14.41
C LYS A 25 11.75 -10.46 -13.67
N ARG A 26 11.92 -10.03 -12.40
CA ARG A 26 10.84 -9.47 -11.60
C ARG A 26 11.24 -8.09 -11.00
N PRO A 27 11.48 -7.02 -11.82
CA PRO A 27 11.89 -5.71 -11.24
C PRO A 27 10.91 -5.06 -10.28
N GLY A 28 9.61 -5.23 -10.56
CA GLY A 28 8.51 -4.68 -9.76
C GLY A 28 8.58 -5.11 -8.30
N MET A 29 9.01 -6.37 -8.07
CA MET A 29 9.15 -6.97 -6.72
C MET A 29 10.20 -6.24 -5.88
N TYR A 30 11.06 -5.42 -6.52
CA TYR A 30 12.15 -4.68 -5.88
C TYR A 30 11.97 -3.16 -5.89
N ILE A 31 11.56 -2.57 -7.02
CA ILE A 31 11.43 -1.10 -7.08
C ILE A 31 9.96 -0.61 -7.27
N GLY A 32 9.01 -1.54 -7.18
CA GLY A 32 7.59 -1.25 -7.30
C GLY A 32 7.03 -1.40 -8.70
N SER A 33 7.56 -0.61 -9.63
CA SER A 33 7.12 -0.57 -11.02
C SER A 33 8.30 -0.32 -11.95
N THR A 34 8.06 -0.40 -13.26
CA THR A 34 9.04 -0.14 -14.31
C THR A 34 8.66 1.12 -15.10
N ASP A 35 7.93 2.03 -14.44
CA ASP A 35 7.50 3.30 -15.02
C ASP A 35 8.40 4.43 -14.46
N LYS A 36 7.94 5.69 -14.52
CA LYS A 36 8.68 6.85 -14.01
C LYS A 36 9.02 6.66 -12.52
N ARG A 37 8.08 6.14 -11.71
CA ARG A 37 8.22 5.90 -10.28
C ARG A 37 9.38 4.96 -9.94
N GLY A 38 9.48 3.84 -10.67
CA GLY A 38 10.54 2.86 -10.49
C GLY A 38 11.89 3.41 -10.93
N LEU A 39 11.88 4.18 -12.06
CA LEU A 39 13.09 4.83 -12.60
C LEU A 39 13.67 5.78 -11.55
N HIS A 40 12.81 6.62 -10.99
CA HIS A 40 13.23 7.60 -10.01
C HIS A 40 13.65 6.97 -8.67
N HIS A 41 13.10 5.78 -8.32
CA HIS A 41 13.50 5.10 -7.10
C HIS A 41 14.96 4.62 -7.18
N LEU A 42 15.44 4.28 -8.40
CA LEU A 42 16.83 3.86 -8.66
C LEU A 42 17.78 4.98 -8.22
N VAL A 43 17.43 6.23 -8.57
CA VAL A 43 18.14 7.47 -8.22
C VAL A 43 18.13 7.61 -6.70
N TYR A 44 16.98 7.38 -6.05
CA TYR A 44 16.85 7.52 -4.58
C TYR A 44 17.69 6.49 -3.83
N GLU A 45 17.86 5.26 -4.35
CA GLU A 45 18.71 4.25 -3.69
C GLU A 45 20.15 4.76 -3.56
N ILE A 46 20.70 5.34 -4.64
CA ILE A 46 22.06 5.91 -4.66
C ILE A 46 22.15 7.14 -3.79
N VAL A 47 21.18 8.08 -3.90
CA VAL A 47 21.14 9.32 -3.10
C VAL A 47 21.16 9.02 -1.59
N ASP A 48 20.39 8.02 -1.16
CA ASP A 48 20.28 7.55 0.22
C ASP A 48 21.64 7.14 0.82
N ASN A 49 22.47 6.47 0.02
CA ASN A 49 23.80 6.05 0.46
C ASN A 49 24.63 7.26 0.76
N SER A 50 24.51 8.32 -0.06
CA SER A 50 25.23 9.55 0.22
C SER A 50 24.65 10.26 1.45
N VAL A 51 23.29 10.24 1.62
CA VAL A 51 22.59 10.87 2.75
C VAL A 51 23.02 10.22 4.07
N ASP A 52 23.03 8.87 4.11
CA ASP A 52 23.45 8.03 5.25
C ASP A 52 24.84 8.48 5.73
N GLU A 53 25.77 8.60 4.77
CA GLU A 53 27.14 9.04 4.98
C GLU A 53 27.23 10.42 5.64
N VAL A 54 26.41 11.39 5.18
CA VAL A 54 26.37 12.76 5.74
C VAL A 54 25.80 12.74 7.19
N LEU A 55 24.85 11.82 7.47
CA LEU A 55 24.23 11.62 8.79
C LEU A 55 25.34 11.26 9.80
N ASN A 56 26.23 10.31 9.40
CA ASN A 56 27.39 9.78 10.16
C ASN A 56 28.52 10.82 10.39
N GLY A 57 28.38 12.00 9.82
CA GLY A 57 29.35 13.08 9.98
C GLY A 57 30.38 13.21 8.89
N TYR A 58 30.21 12.45 7.78
CA TYR A 58 31.15 12.49 6.64
C TYR A 58 30.55 13.11 5.39
N GLY A 59 30.97 14.31 5.08
CA GLY A 59 30.49 15.03 3.91
C GLY A 59 29.33 15.95 4.19
N ASN A 60 29.00 16.80 3.21
CA ASN A 60 27.92 17.81 3.30
C ASN A 60 27.36 18.21 1.95
N GLU A 61 27.86 17.57 0.87
CA GLU A 61 27.50 17.87 -0.52
C GLU A 61 27.12 16.65 -1.35
N ILE A 62 25.96 16.73 -2.02
CA ILE A 62 25.42 15.72 -2.93
C ILE A 62 25.09 16.45 -4.24
N ASP A 63 25.65 15.95 -5.34
CA ASP A 63 25.39 16.52 -6.67
C ASP A 63 24.76 15.46 -7.52
N VAL A 64 23.58 15.78 -8.05
CA VAL A 64 22.78 14.93 -8.94
C VAL A 64 22.77 15.64 -10.28
N THR A 65 23.29 14.99 -11.31
CA THR A 65 23.41 15.55 -12.67
C THR A 65 22.72 14.68 -13.73
N ILE A 66 21.71 15.24 -14.43
CA ILE A 66 21.01 14.52 -15.52
C ILE A 66 21.82 14.84 -16.80
N ASN A 67 22.50 13.83 -17.32
CA ASN A 67 23.38 13.90 -18.48
C ASN A 67 22.69 13.80 -19.83
N LYS A 68 23.36 14.35 -20.88
CA LYS A 68 22.89 14.36 -22.26
C LYS A 68 22.68 12.96 -22.83
N ASP A 69 23.57 12.01 -22.49
CA ASP A 69 23.55 10.63 -22.98
C ASP A 69 22.46 9.71 -22.37
N GLY A 70 21.63 10.21 -21.47
CA GLY A 70 20.61 9.37 -20.87
C GLY A 70 20.96 8.85 -19.49
N SER A 71 22.22 9.04 -19.08
CA SER A 71 22.67 8.60 -17.74
C SER A 71 22.34 9.66 -16.67
N ILE A 72 22.58 9.30 -15.42
CA ILE A 72 22.37 10.22 -14.30
C ILE A 72 23.56 9.98 -13.42
N SER A 73 24.14 11.07 -12.91
CA SER A 73 25.29 11.00 -12.01
C SER A 73 24.86 11.44 -10.64
N ILE A 74 25.32 10.73 -9.62
CA ILE A 74 25.12 11.01 -8.20
C ILE A 74 26.53 11.03 -7.53
N GLU A 75 26.98 12.20 -7.12
CA GLU A 75 28.27 12.41 -6.47
C GLU A 75 28.15 12.98 -5.05
N ASP A 76 28.96 12.47 -4.14
CA ASP A 76 29.00 12.97 -2.76
C ASP A 76 30.46 13.24 -2.37
N ASN A 77 30.67 13.96 -1.24
CA ASN A 77 32.00 14.24 -0.68
C ASN A 77 32.12 13.48 0.67
N GLY A 78 31.59 12.26 0.70
CA GLY A 78 31.64 11.37 1.86
C GLY A 78 33.01 10.74 1.96
N ARG A 79 33.17 9.62 2.67
CA ARG A 79 34.47 8.95 2.84
C ARG A 79 34.96 8.21 1.60
N GLY A 80 34.04 7.96 0.68
CA GLY A 80 34.32 7.19 -0.52
C GLY A 80 34.11 5.73 -0.14
N MET A 81 33.64 4.91 -1.05
CA MET A 81 33.41 3.48 -0.75
C MET A 81 34.71 2.72 -0.44
N PRO A 82 34.68 1.65 0.40
CA PRO A 82 35.92 0.89 0.64
C PRO A 82 36.42 0.27 -0.67
N THR A 83 37.73 0.38 -0.94
CA THR A 83 38.42 -0.11 -2.14
C THR A 83 38.94 -1.55 -2.04
N GLY A 84 39.23 -2.00 -0.82
CA GLY A 84 39.80 -3.31 -0.51
C GLY A 84 38.97 -4.56 -0.74
N ILE A 85 39.59 -5.73 -0.49
CA ILE A 85 38.96 -7.05 -0.63
C ILE A 85 38.00 -7.25 0.54
N HIS A 86 36.74 -7.64 0.24
CA HIS A 86 35.69 -7.88 1.23
C HIS A 86 36.06 -9.14 2.06
N LYS A 87 35.34 -9.44 3.18
CA LYS A 87 35.59 -10.64 4.02
C LYS A 87 35.82 -11.86 3.13
N SER A 88 35.08 -11.91 1.99
CA SER A 88 35.14 -12.92 0.94
C SER A 88 36.44 -12.65 0.14
N GLY A 89 36.54 -13.12 -1.08
CA GLY A 89 37.75 -12.90 -1.85
C GLY A 89 37.55 -11.92 -2.97
N LYS A 90 36.47 -11.13 -2.89
CA LYS A 90 36.17 -10.17 -3.96
C LYS A 90 36.31 -8.71 -3.56
N PRO A 91 36.79 -7.84 -4.49
CA PRO A 91 36.84 -6.39 -4.21
C PRO A 91 35.48 -5.90 -3.66
N THR A 92 35.48 -5.06 -2.59
CA THR A 92 34.27 -4.57 -1.92
C THR A 92 33.29 -3.85 -2.87
N VAL A 93 33.83 -3.11 -3.89
CA VAL A 93 33.05 -2.36 -4.89
C VAL A 93 32.19 -3.33 -5.70
N GLU A 94 32.79 -4.44 -6.13
CA GLU A 94 32.15 -5.52 -6.86
C GLU A 94 31.09 -6.21 -5.97
N VAL A 95 31.37 -6.34 -4.67
CA VAL A 95 30.44 -6.99 -3.73
C VAL A 95 29.18 -6.11 -3.60
N ILE A 96 29.37 -4.80 -3.38
CA ILE A 96 28.30 -3.82 -3.22
C ILE A 96 27.35 -3.80 -4.43
N PHE A 97 27.91 -3.65 -5.65
CA PHE A 97 27.17 -3.53 -6.89
C PHE A 97 26.74 -4.83 -7.56
N THR A 98 27.23 -6.00 -7.10
CA THR A 98 26.89 -7.27 -7.74
C THR A 98 26.12 -8.22 -6.79
N VAL A 99 26.38 -8.15 -5.47
CA VAL A 99 25.74 -9.01 -4.49
C VAL A 99 24.44 -8.38 -4.02
N LEU A 100 23.33 -9.08 -4.31
CA LEU A 100 21.94 -8.70 -4.02
C LEU A 100 21.67 -8.30 -2.58
N HIS A 101 21.20 -7.05 -2.40
CA HIS A 101 20.84 -6.40 -1.14
C HIS A 101 22.03 -6.21 -0.17
N ALA A 102 23.29 -6.31 -0.68
CA ALA A 102 24.51 -6.10 0.12
C ALA A 102 24.54 -4.67 0.67
N GLY A 103 24.72 -4.56 1.99
CA GLY A 103 24.77 -3.29 2.72
C GLY A 103 23.41 -2.86 3.25
N HIS A 118 13.02 3.00 0.52
CA HIS A 118 13.36 1.58 0.69
C HIS A 118 14.87 1.37 0.62
N GLY A 119 15.34 0.13 0.88
CA GLY A 119 16.76 -0.19 0.86
C GLY A 119 17.14 -1.48 0.15
N VAL A 120 16.79 -1.59 -1.16
CA VAL A 120 17.08 -2.76 -1.99
C VAL A 120 18.59 -2.87 -2.37
N GLY A 121 19.33 -1.76 -2.18
CA GLY A 121 20.76 -1.67 -2.45
C GLY A 121 21.18 -1.25 -3.83
N ALA A 122 22.42 -0.77 -3.94
CA ALA A 122 23.07 -0.35 -5.19
C ALA A 122 23.10 -1.46 -6.24
N SER A 123 23.06 -2.73 -5.79
CA SER A 123 23.10 -3.91 -6.66
C SER A 123 21.87 -4.04 -7.55
N VAL A 124 20.69 -3.56 -7.08
CA VAL A 124 19.42 -3.56 -7.83
C VAL A 124 19.52 -2.46 -8.94
N VAL A 125 20.12 -1.32 -8.60
CA VAL A 125 20.35 -0.22 -9.55
C VAL A 125 21.21 -0.76 -10.71
N ASN A 126 22.28 -1.51 -10.36
CA ASN A 126 23.21 -2.11 -11.32
C ASN A 126 22.53 -3.14 -12.21
N ALA A 127 21.70 -4.02 -11.60
CA ALA A 127 20.93 -5.05 -12.28
C ALA A 127 19.99 -4.46 -13.35
N LEU A 128 19.40 -3.28 -13.06
CA LEU A 128 18.44 -2.61 -13.96
C LEU A 128 19.05 -1.51 -14.80
N SER A 129 20.39 -1.54 -14.97
CA SER A 129 21.12 -0.54 -15.75
C SER A 129 21.77 -1.13 -16.97
N GLU A 130 21.78 -0.39 -18.08
CA GLU A 130 22.44 -0.74 -19.34
C GLU A 130 23.96 -0.76 -19.02
N TRP A 131 24.41 0.25 -18.27
CA TRP A 131 25.76 0.42 -17.77
C TRP A 131 25.75 1.28 -16.52
N LEU A 132 26.71 1.03 -15.65
CA LEU A 132 26.94 1.73 -14.38
C LEU A 132 28.47 1.93 -14.18
N GLU A 133 28.89 3.16 -13.81
CA GLU A 133 30.28 3.54 -13.53
C GLU A 133 30.45 4.08 -12.10
N VAL A 134 31.45 3.55 -11.37
CA VAL A 134 31.81 3.93 -10.01
C VAL A 134 33.15 4.67 -10.04
N GLU A 135 33.22 5.76 -9.30
CA GLU A 135 34.38 6.61 -9.20
C GLU A 135 34.55 6.92 -7.70
N ILE A 136 35.66 6.42 -7.11
CA ILE A 136 35.98 6.60 -5.69
C ILE A 136 37.21 7.43 -5.56
N HIS A 137 37.07 8.56 -4.87
CA HIS A 137 38.11 9.54 -4.58
C HIS A 137 38.63 9.22 -3.18
N ARG A 138 39.87 8.70 -3.11
CA ARG A 138 40.51 8.31 -1.84
C ARG A 138 42.00 8.60 -1.82
N ASP A 139 42.43 9.44 -0.85
CA ASP A 139 43.81 9.88 -0.62
C ASP A 139 44.51 10.39 -1.87
N GLY A 140 43.91 11.38 -2.51
CA GLY A 140 44.46 11.99 -3.71
C GLY A 140 44.38 11.15 -4.98
N ASN A 141 43.77 9.95 -4.91
CA ASN A 141 43.61 9.06 -6.07
C ASN A 141 42.16 8.72 -6.38
N ILE A 142 41.87 8.53 -7.67
CA ILE A 142 40.57 8.17 -8.24
C ILE A 142 40.61 6.70 -8.68
N TYR A 143 39.72 5.87 -8.12
CA TYR A 143 39.56 4.46 -8.42
C TYR A 143 38.28 4.31 -9.27
N HIS A 144 38.40 3.70 -10.48
CA HIS A 144 37.27 3.52 -11.39
C HIS A 144 36.93 2.08 -11.71
N GLN A 145 35.64 1.76 -11.66
CA GLN A 145 35.09 0.44 -11.98
C GLN A 145 33.81 0.60 -12.79
N SER A 146 33.73 -0.18 -13.90
CA SER A 146 32.63 -0.22 -14.84
C SER A 146 31.81 -1.54 -14.79
N PHE A 147 30.50 -1.41 -15.01
CA PHE A 147 29.55 -2.51 -15.06
C PHE A 147 28.72 -2.34 -16.33
N LYS A 148 28.30 -3.44 -16.94
CA LYS A 148 27.51 -3.39 -18.18
C LYS A 148 26.50 -4.52 -18.23
N ASN A 149 25.41 -4.26 -18.98
CA ASN A 149 24.29 -5.18 -19.22
C ASN A 149 23.61 -5.56 -17.89
N GLY A 150 23.55 -6.83 -17.52
CA GLY A 150 22.88 -7.16 -16.25
C GLY A 150 23.54 -6.69 -14.96
N GLY A 151 24.66 -5.98 -15.07
CA GLY A 151 25.44 -5.53 -13.94
C GLY A 151 26.71 -6.34 -13.89
N SER A 152 27.21 -6.71 -15.08
CA SER A 152 28.40 -7.51 -15.29
C SER A 152 29.65 -6.60 -15.28
N PRO A 153 30.63 -6.84 -14.36
CA PRO A 153 31.84 -6.02 -14.34
C PRO A 153 32.52 -5.93 -15.71
N SER A 154 32.60 -4.72 -16.29
CA SER A 154 33.25 -4.56 -17.58
C SER A 154 34.70 -4.04 -17.41
N SER A 155 35.18 -4.09 -16.16
CA SER A 155 36.54 -3.71 -15.73
C SER A 155 36.76 -4.13 -14.27
N GLY A 156 38.03 -4.08 -13.85
CA GLY A 156 38.43 -4.33 -12.47
C GLY A 156 38.53 -2.97 -11.81
N LEU A 157 38.82 -2.90 -10.51
CA LEU A 157 38.97 -1.58 -9.87
C LEU A 157 40.30 -1.00 -10.32
N VAL A 158 40.30 0.00 -11.21
CA VAL A 158 41.55 0.58 -11.70
C VAL A 158 41.84 1.96 -11.10
N LYS A 159 43.04 2.07 -10.51
CA LYS A 159 43.53 3.32 -9.93
C LYS A 159 43.99 4.16 -11.10
N LYS A 160 43.33 5.30 -11.33
CA LYS A 160 43.67 6.17 -12.44
C LYS A 160 43.16 7.58 -12.22
N GLY A 161 44.11 8.50 -11.98
CA GLY A 161 43.78 9.90 -11.78
C GLY A 161 44.07 10.42 -10.38
N LYS A 162 44.36 11.71 -10.29
CA LYS A 162 44.65 12.37 -9.03
C LYS A 162 43.46 13.26 -8.62
N THR A 163 43.24 13.44 -7.32
CA THR A 163 42.11 14.24 -6.85
C THR A 163 42.42 15.06 -5.61
N LYS A 164 41.69 16.16 -5.42
CA LYS A 164 41.83 17.03 -4.24
C LYS A 164 40.63 16.80 -3.30
N LYS A 165 39.74 15.82 -3.61
CA LYS A 165 38.55 15.52 -2.79
C LYS A 165 38.42 14.07 -2.40
N THR A 166 37.49 13.78 -1.45
CA THR A 166 37.13 12.44 -0.95
C THR A 166 35.64 12.21 -1.27
N GLY A 167 35.26 10.99 -1.62
CA GLY A 167 33.88 10.68 -1.96
C GLY A 167 33.63 9.62 -3.01
N THR A 168 32.36 9.47 -3.39
CA THR A 168 31.88 8.49 -4.36
C THR A 168 31.01 9.17 -5.39
N LYS A 169 31.14 8.70 -6.64
CA LYS A 169 30.33 9.15 -7.78
C LYS A 169 29.84 7.89 -8.47
N VAL A 170 28.51 7.81 -8.64
CA VAL A 170 27.86 6.72 -9.34
C VAL A 170 27.09 7.31 -10.52
N THR A 171 27.36 6.79 -11.72
CA THR A 171 26.70 7.23 -12.95
C THR A 171 26.13 5.97 -13.52
N PHE A 172 24.84 5.98 -13.88
CA PHE A 172 24.22 4.79 -14.45
C PHE A 172 23.24 5.20 -15.52
N LYS A 173 23.09 4.38 -16.54
CA LYS A 173 22.15 4.59 -17.63
C LYS A 173 21.10 3.48 -17.48
N PRO A 174 19.82 3.80 -17.22
CA PRO A 174 18.81 2.72 -17.03
C PRO A 174 18.61 1.82 -18.25
N ASP A 175 18.21 0.55 -18.02
CA ASP A 175 17.99 -0.36 -19.14
C ASP A 175 16.64 -0.09 -19.83
N ASP A 176 16.70 0.17 -21.17
CA ASP A 176 15.58 0.44 -22.09
C ASP A 176 14.57 -0.71 -22.12
N THR A 177 15.07 -1.97 -22.06
CA THR A 177 14.25 -3.19 -22.05
C THR A 177 13.44 -3.33 -20.77
N ILE A 178 13.95 -2.81 -19.66
CA ILE A 178 13.31 -2.80 -18.34
C ILE A 178 12.31 -1.61 -18.24
N PHE A 179 12.79 -0.36 -18.50
CA PHE A 179 11.98 0.86 -18.41
C PHE A 179 11.49 1.27 -19.79
N LYS A 180 10.69 0.39 -20.42
CA LYS A 180 10.12 0.61 -21.73
C LYS A 180 9.29 1.90 -21.68
N ALA A 181 9.67 2.86 -22.54
CA ALA A 181 9.03 4.18 -22.69
C ALA A 181 9.02 4.97 -21.39
N SER A 182 10.05 4.74 -20.50
CA SER A 182 10.16 5.36 -19.17
C SER A 182 11.59 5.55 -18.64
N THR A 183 12.58 5.75 -19.51
CA THR A 183 13.98 5.93 -19.09
C THR A 183 14.38 7.39 -18.89
N SER A 184 13.49 8.33 -19.31
CA SER A 184 13.79 9.75 -19.23
C SER A 184 13.50 10.31 -17.86
N PHE A 185 14.56 10.84 -17.21
CA PHE A 185 14.46 11.41 -15.88
C PHE A 185 13.65 12.67 -15.90
N ASN A 186 12.85 12.85 -14.85
CA ASN A 186 12.03 14.05 -14.70
C ASN A 186 12.66 14.94 -13.65
N PHE A 187 13.03 16.16 -14.04
CA PHE A 187 13.63 17.17 -13.17
C PHE A 187 12.75 17.50 -11.95
N ASP A 188 11.47 17.86 -12.18
CA ASP A 188 10.52 18.26 -11.14
C ASP A 188 10.22 17.13 -10.13
N VAL A 189 10.22 15.87 -10.58
CA VAL A 189 10.03 14.72 -9.70
C VAL A 189 11.23 14.65 -8.73
N LEU A 190 12.45 14.68 -9.29
CA LEU A 190 13.69 14.64 -8.49
C LEU A 190 13.83 15.83 -7.57
N SER A 191 13.54 17.05 -8.05
CA SER A 191 13.63 18.28 -7.26
C SER A 191 12.82 18.23 -5.96
N GLU A 192 11.56 17.77 -6.03
CA GLU A 192 10.68 17.67 -4.88
C GLU A 192 11.31 16.79 -3.79
N ARG A 193 11.82 15.61 -4.18
CA ARG A 193 12.43 14.69 -3.22
C ARG A 193 13.77 15.21 -2.69
N LEU A 194 14.63 15.81 -3.55
CA LEU A 194 15.93 16.32 -3.16
C LEU A 194 15.81 17.54 -2.24
N GLN A 195 14.79 18.38 -2.49
CA GLN A 195 14.56 19.54 -1.62
C GLN A 195 14.16 19.05 -0.22
N GLU A 196 13.30 18.01 -0.17
CA GLU A 196 12.83 17.39 1.06
C GLU A 196 14.02 16.84 1.89
N SER A 197 15.00 16.19 1.25
CA SER A 197 16.19 15.65 1.92
C SER A 197 17.07 16.76 2.54
N ALA A 198 17.19 17.89 1.83
CA ALA A 198 17.95 19.06 2.30
C ALA A 198 17.25 19.71 3.51
N PHE A 199 15.92 19.69 3.55
CA PHE A 199 15.16 20.28 4.67
C PHE A 199 15.35 19.46 5.93
N LEU A 200 15.37 18.13 5.81
CA LEU A 200 15.50 17.20 6.92
C LEU A 200 16.92 17.10 7.51
N LEU A 201 17.93 17.36 6.70
CA LEU A 201 19.32 17.29 7.13
C LEU A 201 19.93 18.67 6.96
N LYS A 202 19.81 19.52 8.01
CA LYS A 202 20.33 20.87 7.94
C LYS A 202 21.84 20.89 7.63
N ASN A 203 22.23 21.90 6.86
CA ASN A 203 23.58 22.12 6.35
C ASN A 203 24.00 21.02 5.32
N LEU A 204 23.01 20.41 4.64
CA LEU A 204 23.31 19.44 3.58
C LEU A 204 23.04 20.25 2.33
N LYS A 205 24.01 20.33 1.41
CA LYS A 205 23.84 21.08 0.16
C LYS A 205 23.65 20.07 -1.00
N ILE A 206 22.45 20.11 -1.64
CA ILE A 206 22.08 19.25 -2.75
C ILE A 206 21.92 20.10 -4.00
N THR A 207 22.63 19.72 -5.06
CA THR A 207 22.57 20.44 -6.33
C THR A 207 21.97 19.47 -7.37
N LEU A 208 20.93 19.91 -8.08
CA LEU A 208 20.28 19.12 -9.12
C LEU A 208 20.58 19.82 -10.44
N ASN A 209 21.30 19.14 -11.37
CA ASN A 209 21.67 19.74 -12.65
C ASN A 209 21.15 19.00 -13.85
N ASP A 210 20.46 19.70 -14.76
CA ASP A 210 19.98 19.09 -16.00
C ASP A 210 20.83 19.65 -17.16
N LEU A 211 21.56 18.75 -17.81
CA LEU A 211 22.44 19.09 -18.92
C LEU A 211 21.80 18.83 -20.27
N ARG A 212 20.60 18.22 -20.28
CA ARG A 212 19.90 17.88 -21.53
C ARG A 212 19.50 19.11 -22.34
N SER A 213 19.84 19.05 -23.65
CA SER A 213 19.61 20.08 -24.66
C SER A 213 18.13 20.44 -24.70
N GLY A 214 17.86 21.74 -24.62
CA GLY A 214 16.52 22.30 -24.61
C GLY A 214 15.82 22.22 -23.27
N LYS A 215 16.51 21.66 -22.24
CA LYS A 215 15.99 21.47 -20.88
C LYS A 215 17.03 21.83 -19.80
N GLU A 216 18.16 22.48 -20.17
CA GLU A 216 19.25 22.81 -19.22
C GLU A 216 18.70 23.68 -18.10
N ARG A 217 18.99 23.23 -16.84
CA ARG A 217 18.50 23.82 -15.59
C ARG A 217 19.35 23.42 -14.39
N GLN A 218 19.34 24.26 -13.35
CA GLN A 218 20.06 24.01 -12.11
C GLN A 218 19.36 24.60 -10.93
N GLU A 219 19.27 23.80 -9.87
CA GLU A 219 18.67 24.18 -8.60
C GLU A 219 19.55 23.66 -7.50
N HIS A 220 19.65 24.43 -6.44
CA HIS A 220 20.46 24.10 -5.27
C HIS A 220 19.58 24.21 -4.02
N TYR A 221 19.66 23.18 -3.17
CA TYR A 221 18.92 23.05 -1.93
C TYR A 221 19.88 22.95 -0.77
N HIS A 222 19.89 24.01 0.04
CA HIS A 222 20.73 24.09 1.21
C HIS A 222 19.99 24.91 2.28
N TYR A 223 19.56 24.25 3.37
CA TYR A 223 18.79 24.91 4.44
C TYR A 223 19.53 24.81 5.77
N GLU A 224 20.23 25.90 6.14
CA GLU A 224 21.03 26.01 7.37
C GLU A 224 20.21 25.83 8.64
N GLU A 225 18.92 26.24 8.59
CA GLU A 225 17.94 26.13 9.69
C GLU A 225 17.03 24.87 9.59
N GLY A 226 17.35 23.96 8.66
CA GLY A 226 16.65 22.70 8.42
C GLY A 226 15.14 22.73 8.34
N ILE A 227 14.46 21.88 9.16
CA ILE A 227 12.99 21.72 9.23
C ILE A 227 12.27 23.01 9.62
N LYS A 228 13.00 23.99 10.21
CA LYS A 228 12.46 25.31 10.54
C LYS A 228 12.10 25.94 9.18
N GLU A 229 13.02 25.85 8.19
CA GLU A 229 12.86 26.36 6.82
C GLU A 229 11.80 25.59 6.03
N PHE A 230 11.62 24.28 6.34
CA PHE A 230 10.61 23.43 5.73
C PHE A 230 9.21 23.98 6.09
N VAL A 231 8.97 24.27 7.39
CA VAL A 231 7.72 24.81 7.93
C VAL A 231 7.36 26.11 7.24
N SER A 232 8.30 27.09 7.17
CA SER A 232 8.08 28.37 6.47
C SER A 232 7.65 28.15 5.00
N TYR A 233 8.28 27.14 4.31
CA TYR A 233 8.01 26.75 2.93
C TYR A 233 6.57 26.25 2.79
N VAL A 234 6.13 25.31 3.66
CA VAL A 234 4.77 24.77 3.64
C VAL A 234 3.72 25.88 3.92
N ASN A 235 4.10 26.94 4.66
CA ASN A 235 3.23 28.08 4.97
C ASN A 235 3.30 29.25 3.96
N GLU A 236 4.02 29.07 2.82
CA GLU A 236 4.14 30.10 1.77
C GLU A 236 2.75 30.39 1.19
N GLY A 237 2.40 31.66 1.09
CA GLY A 237 1.12 32.09 0.55
C GLY A 237 0.01 32.16 1.57
N LYS A 238 0.35 32.01 2.86
CA LYS A 238 -0.59 32.08 3.98
C LYS A 238 -0.01 33.04 4.97
N GLU A 239 -0.88 33.75 5.71
CA GLU A 239 -0.39 34.69 6.73
C GLU A 239 0.03 33.85 7.93
N VAL A 240 1.17 34.20 8.54
CA VAL A 240 1.70 33.47 9.69
C VAL A 240 1.41 34.22 11.00
N LEU A 241 1.16 33.46 12.08
CA LEU A 241 0.83 34.04 13.39
C LEU A 241 2.04 34.37 14.26
N HIS A 242 3.20 33.77 13.97
CA HIS A 242 4.45 33.94 14.72
C HIS A 242 5.56 33.30 13.91
N ASP A 243 6.81 33.38 14.41
CA ASP A 243 7.96 32.78 13.78
C ASP A 243 7.97 31.30 14.13
N VAL A 244 8.54 30.45 13.25
CA VAL A 244 8.63 29.00 13.41
C VAL A 244 9.22 28.68 14.79
N ALA A 245 8.52 27.79 15.51
CA ALA A 245 8.93 27.31 16.83
C ALA A 245 9.68 25.98 16.61
N THR A 246 10.93 25.90 17.06
CA THR A 246 11.72 24.68 16.89
C THR A 246 12.21 24.15 18.23
N PHE A 247 12.31 22.80 18.34
CA PHE A 247 12.86 22.11 19.50
C PHE A 247 13.24 20.68 19.18
N SER A 248 14.40 20.27 19.69
CA SER A 248 14.97 18.94 19.51
C SER A 248 15.46 18.32 20.82
N GLY A 249 15.61 17.01 20.80
CA GLY A 249 16.06 16.21 21.94
C GLY A 249 16.15 14.74 21.62
N GLU A 250 16.46 13.94 22.66
CA GLU A 250 16.60 12.48 22.57
C GLU A 250 15.91 11.82 23.77
N ALA A 251 15.00 10.86 23.52
CA ALA A 251 14.25 10.07 24.51
C ALA A 251 14.24 8.63 23.99
N ASN A 252 14.54 7.66 24.87
CA ASN A 252 14.73 6.23 24.55
C ASN A 252 16.02 6.28 23.68
N GLY A 253 16.01 5.68 22.49
CA GLY A 253 17.14 5.72 21.57
C GLY A 253 16.83 6.52 20.33
N ILE A 254 15.70 7.27 20.37
CA ILE A 254 15.20 8.07 19.26
C ILE A 254 15.54 9.55 19.38
N GLU A 255 16.16 10.11 18.32
CA GLU A 255 16.48 11.54 18.23
C GLU A 255 15.22 12.18 17.62
N VAL A 256 14.84 13.39 18.07
CA VAL A 256 13.64 14.01 17.54
C VAL A 256 13.89 15.46 17.16
N ASP A 257 13.27 15.92 16.05
CA ASP A 257 13.33 17.31 15.58
C ASP A 257 11.88 17.69 15.30
N VAL A 258 11.42 18.80 15.91
CA VAL A 258 10.04 19.27 15.75
C VAL A 258 10.04 20.75 15.41
N ALA A 259 9.32 21.15 14.36
CA ALA A 259 9.19 22.56 13.99
C ALA A 259 7.73 22.81 13.71
N PHE A 260 7.18 23.94 14.16
CA PHE A 260 5.77 24.25 13.94
C PHE A 260 5.53 25.73 13.82
N GLN A 261 4.51 26.10 13.05
CA GLN A 261 4.11 27.49 12.85
C GLN A 261 2.65 27.55 12.40
N TYR A 262 1.86 28.34 13.13
CA TYR A 262 0.44 28.53 12.80
C TYR A 262 0.28 29.58 11.70
N ASN A 263 -0.70 29.34 10.85
CA ASN A 263 -1.15 30.25 9.81
C ASN A 263 -2.56 30.78 10.25
N ASP A 264 -3.12 31.77 9.52
CA ASP A 264 -4.43 32.30 9.89
C ASP A 264 -5.58 31.51 9.24
N GLN A 265 -5.24 30.42 8.50
CA GLN A 265 -6.20 29.54 7.85
C GLN A 265 -6.69 28.47 8.82
N TYR A 266 -7.54 27.53 8.39
CA TYR A 266 -8.10 26.57 9.32
C TYR A 266 -7.64 25.13 9.17
N SER A 267 -6.89 24.83 8.10
CA SER A 267 -6.42 23.47 7.86
C SER A 267 -5.15 23.09 8.65
N GLU A 268 -5.03 21.81 8.97
CA GLU A 268 -3.92 21.16 9.67
C GLU A 268 -2.99 20.56 8.61
N SER A 269 -1.67 20.67 8.82
CA SER A 269 -0.66 20.16 7.90
C SER A 269 0.51 19.62 8.71
N ILE A 270 0.36 18.36 9.19
CA ILE A 270 1.36 17.65 9.98
C ILE A 270 2.17 16.70 9.06
N LEU A 271 3.47 17.01 8.83
CA LEU A 271 4.38 16.23 7.99
C LEU A 271 5.30 15.40 8.88
N SER A 272 5.24 14.05 8.76
CA SER A 272 6.05 13.15 9.59
C SER A 272 7.13 12.41 8.79
N PHE A 273 8.32 12.27 9.40
CA PHE A 273 9.49 11.65 8.79
C PHE A 273 10.25 10.76 9.73
N VAL A 274 10.68 9.60 9.21
CA VAL A 274 11.48 8.62 9.94
C VAL A 274 12.77 8.45 9.13
N ASN A 275 13.93 8.73 9.75
CA ASN A 275 15.27 8.61 9.16
C ASN A 275 15.42 9.24 7.77
N ASN A 276 15.08 10.53 7.66
CA ASN A 276 15.16 11.33 6.43
C ASN A 276 14.18 10.84 5.31
N VAL A 277 13.23 9.97 5.67
CA VAL A 277 12.24 9.45 4.71
C VAL A 277 10.83 9.68 5.27
N ARG A 278 9.94 10.27 4.46
CA ARG A 278 8.55 10.55 4.81
C ARG A 278 7.69 9.30 5.08
N THR A 279 6.86 9.39 6.16
CA THR A 279 5.87 8.43 6.61
C THR A 279 4.53 9.12 6.34
N LYS A 280 4.04 8.98 5.10
CA LYS A 280 2.79 9.57 4.58
C LYS A 280 1.54 9.32 5.44
N ASP A 281 1.46 8.17 6.13
CA ASP A 281 0.31 7.80 6.96
C ASP A 281 0.55 8.00 8.48
N GLY A 282 1.60 8.75 8.81
CA GLY A 282 2.00 9.08 10.16
C GLY A 282 2.56 7.95 10.96
N GLY A 283 1.98 7.74 12.14
CA GLY A 283 2.40 6.70 13.07
C GLY A 283 2.56 7.21 14.50
N THR A 284 3.29 6.45 15.30
CA THR A 284 3.59 6.68 16.73
C THR A 284 4.32 8.00 17.02
N HIS A 285 5.20 8.45 16.11
CA HIS A 285 5.94 9.69 16.30
C HIS A 285 5.00 10.87 16.15
N GLU A 286 4.04 10.76 15.21
CA GLU A 286 3.02 11.77 14.93
C GLU A 286 2.03 11.82 16.12
N VAL A 287 1.61 10.62 16.63
CA VAL A 287 0.71 10.44 17.77
C VAL A 287 1.33 11.05 19.03
N GLY A 288 2.62 10.84 19.22
CA GLY A 288 3.37 11.40 20.34
C GLY A 288 3.39 12.92 20.34
N PHE A 289 3.52 13.54 19.14
CA PHE A 289 3.53 14.99 18.98
C PHE A 289 2.16 15.61 19.32
N LYS A 290 1.11 15.02 18.73
CA LYS A 290 -0.28 15.45 18.89
C LYS A 290 -0.76 15.36 20.34
N THR A 291 -0.43 14.25 21.07
CA THR A 291 -0.82 14.08 22.49
C THR A 291 -0.14 15.04 23.44
N ALA A 292 1.18 15.30 23.25
CA ALA A 292 1.91 16.22 24.12
C ALA A 292 1.45 17.64 23.84
N MET A 293 1.15 17.98 22.57
CA MET A 293 0.67 19.30 22.17
C MET A 293 -0.66 19.65 22.82
N THR A 294 -1.58 18.68 22.89
CA THR A 294 -2.89 18.85 23.49
C THR A 294 -2.75 18.96 25.00
N ARG A 295 -1.89 18.12 25.58
CA ARG A 295 -1.60 18.07 27.00
C ARG A 295 -0.94 19.35 27.49
N VAL A 296 0.11 19.86 26.80
CA VAL A 296 0.81 21.10 27.16
C VAL A 296 -0.09 22.32 26.99
N PHE A 297 -0.89 22.37 25.92
CA PHE A 297 -1.78 23.50 25.69
C PHE A 297 -2.85 23.61 26.75
N ASN A 298 -3.44 22.46 27.11
CA ASN A 298 -4.49 22.41 28.13
C ASN A 298 -3.95 22.85 29.49
N ASP A 299 -2.75 22.34 29.87
CA ASP A 299 -2.06 22.64 31.12
C ASP A 299 -1.71 24.13 31.18
N TYR A 300 -1.20 24.66 30.08
CA TYR A 300 -0.87 26.09 30.03
C TYR A 300 -2.13 26.96 30.07
N ALA A 301 -3.21 26.61 29.32
CA ALA A 301 -4.49 27.35 29.29
C ALA A 301 -5.08 27.51 30.70
N ARG A 302 -5.06 26.44 31.50
CA ARG A 302 -5.56 26.45 32.87
C ARG A 302 -4.66 27.27 33.81
N ARG A 303 -3.32 27.26 33.55
CA ARG A 303 -2.30 27.96 34.33
C ARG A 303 -2.46 29.46 34.23
N ILE A 304 -2.72 29.98 33.01
CA ILE A 304 -2.92 31.42 32.76
C ILE A 304 -4.41 31.80 32.89
N ASN A 305 -5.20 30.89 33.49
CA ASN A 305 -6.63 31.03 33.82
C ASN A 305 -7.57 31.35 32.63
N GLU A 306 -7.31 30.76 31.43
CA GLU A 306 -8.18 30.96 30.25
C GLU A 306 -9.27 29.89 30.25
N LEU A 307 -8.94 28.71 30.77
CA LEU A 307 -9.81 27.58 30.96
C LEU A 307 -10.07 27.53 32.45
N LYS A 308 -11.31 27.30 32.84
CA LYS A 308 -11.65 27.23 34.27
C LYS A 308 -11.69 25.78 34.71
N THR A 309 -12.06 25.54 35.96
CA THR A 309 -12.13 24.20 36.54
C THR A 309 -13.26 23.32 35.96
N ASP A 311 -15.54 23.63 33.07
CA ASP A 311 -14.87 24.03 31.83
C ASP A 311 -14.01 22.87 31.29
N LYS A 312 -14.35 22.36 30.08
CA LYS A 312 -13.66 21.21 29.47
C LYS A 312 -12.42 21.57 28.63
N ASN A 313 -11.53 20.57 28.51
CA ASN A 313 -10.27 20.57 27.78
C ASN A 313 -10.46 20.80 26.31
N LEU A 314 -9.48 21.48 25.69
CA LEU A 314 -9.43 21.75 24.27
C LEU A 314 -9.10 20.43 23.56
N ASP A 315 -9.80 20.12 22.46
CA ASP A 315 -9.53 18.91 21.69
C ASP A 315 -8.29 19.19 20.82
N GLY A 316 -7.60 18.14 20.37
CA GLY A 316 -6.42 18.25 19.51
C GLY A 316 -6.74 19.09 18.29
N ASN A 317 -7.96 18.82 17.75
CA ASN A 317 -8.65 19.44 16.63
C ASN A 317 -8.59 20.97 16.72
N ASP A 318 -8.99 21.51 17.91
CA ASP A 318 -9.05 22.95 18.20
C ASP A 318 -7.68 23.55 18.24
N ILE A 319 -6.73 22.82 18.86
CA ILE A 319 -5.35 23.27 18.97
C ILE A 319 -4.60 23.25 17.61
N ARG A 320 -4.83 22.24 16.80
CA ARG A 320 -4.16 22.08 15.52
C ARG A 320 -4.73 22.90 14.36
N GLU A 321 -5.78 23.72 14.62
CA GLU A 321 -6.40 24.55 13.58
C GLU A 321 -5.42 25.53 12.99
N GLY A 322 -5.11 25.37 11.70
CA GLY A 322 -4.16 26.26 11.03
C GLY A 322 -2.71 26.02 11.43
N LEU A 323 -2.41 24.83 11.98
CA LEU A 323 -1.05 24.48 12.40
C LEU A 323 -0.32 23.70 11.30
N THR A 324 0.89 24.15 10.97
CA THR A 324 1.77 23.47 10.03
C THR A 324 2.87 22.93 10.94
N ALA A 325 3.09 21.62 10.96
CA ALA A 325 4.16 21.05 11.79
C ALA A 325 4.95 19.97 11.06
N VAL A 326 6.27 19.92 11.32
CA VAL A 326 7.18 18.92 10.79
C VAL A 326 7.70 18.12 12.00
N VAL A 327 7.48 16.79 12.00
CA VAL A 327 7.94 15.86 13.03
C VAL A 327 8.96 14.93 12.34
N SER A 328 10.25 15.12 12.63
CA SER A 328 11.36 14.34 12.05
C SER A 328 12.13 13.50 13.13
N VAL A 329 12.06 12.18 13.05
CA VAL A 329 12.73 11.31 14.02
C VAL A 329 13.84 10.43 13.42
N ARG A 330 14.86 10.09 14.26
CA ARG A 330 15.98 9.21 13.92
C ARG A 330 15.88 8.03 14.87
N ILE A 331 15.58 6.83 14.32
CA ILE A 331 15.41 5.58 15.06
C ILE A 331 16.47 4.53 14.62
N PRO A 332 17.16 3.86 15.59
CA PRO A 332 18.16 2.83 15.21
C PRO A 332 17.47 1.61 14.60
N GLU A 333 18.20 0.87 13.72
CA GLU A 333 17.75 -0.33 13.01
C GLU A 333 17.02 -1.34 13.91
N GLU A 334 17.56 -1.55 15.13
CA GLU A 334 17.05 -2.44 16.18
C GLU A 334 15.62 -2.10 16.65
N LEU A 335 15.34 -0.78 16.87
CA LEU A 335 14.05 -0.23 17.34
C LEU A 335 12.96 -0.17 16.27
N LEU A 336 13.34 0.16 15.01
CA LEU A 336 12.42 0.26 13.86
C LEU A 336 11.42 -0.87 13.69
N GLN A 337 10.19 -0.52 13.25
CA GLN A 337 9.04 -1.40 12.99
C GLN A 337 7.94 -0.57 12.31
N PHE A 338 7.07 -1.21 11.51
CA PHE A 338 5.99 -0.54 10.79
C PHE A 338 4.70 -1.38 10.80
N LYS A 343 5.97 0.39 4.36
CA LYS A 343 6.29 1.30 5.46
C LYS A 343 5.18 2.35 5.58
N SER A 344 5.47 3.64 5.30
CA SER A 344 4.58 4.81 5.31
C SER A 344 3.85 5.12 6.65
N LYS A 345 3.81 4.17 7.60
CA LYS A 345 3.18 4.35 8.90
C LYS A 345 4.07 3.70 9.95
N LEU A 346 4.66 4.51 10.83
CA LEU A 346 5.54 4.03 11.89
C LEU A 346 4.76 3.29 12.96
N GLY A 347 5.30 2.16 13.42
CA GLY A 347 4.71 1.31 14.45
C GLY A 347 5.50 1.29 15.74
N THR A 348 6.79 1.69 15.69
CA THR A 348 7.72 1.75 16.82
C THR A 348 7.06 2.45 18.01
N SER A 349 6.51 1.64 18.95
CA SER A 349 5.83 2.12 20.16
C SER A 349 6.67 3.09 21.02
N GLU A 350 8.02 2.94 20.99
CA GLU A 350 8.95 3.79 21.73
C GLU A 350 9.07 5.21 21.16
N ALA A 351 8.72 5.42 19.88
CA ALA A 351 8.79 6.74 19.23
C ALA A 351 7.68 7.69 19.73
N ARG A 352 6.56 7.13 20.24
CA ARG A 352 5.42 7.87 20.80
C ARG A 352 5.90 8.54 22.05
N SER A 353 6.61 7.77 22.90
CA SER A 353 7.21 8.17 24.19
C SER A 353 8.32 9.20 23.96
N ALA A 354 9.09 9.01 22.87
CA ALA A 354 10.20 9.89 22.49
C ALA A 354 9.75 11.30 22.07
N VAL A 355 8.78 11.42 21.13
CA VAL A 355 8.27 12.73 20.67
C VAL A 355 7.50 13.39 21.82
N ASP A 356 6.61 12.62 22.47
CA ASP A 356 5.81 13.09 23.61
C ASP A 356 6.69 13.73 24.67
N SER A 357 7.84 13.10 25.03
CA SER A 357 8.78 13.61 26.02
C SER A 357 9.51 14.90 25.60
N VAL A 358 10.00 15.00 24.35
CA VAL A 358 10.72 16.19 23.86
C VAL A 358 9.79 17.41 23.77
N VAL A 359 8.58 17.21 23.27
CA VAL A 359 7.59 18.29 23.14
C VAL A 359 7.20 18.71 24.59
N ALA A 360 6.71 17.75 25.45
CA ALA A 360 6.34 18.01 26.86
C ALA A 360 7.46 18.61 27.69
N ASP A 361 8.71 18.41 27.28
CA ASP A 361 9.81 18.99 28.04
C ASP A 361 10.16 20.37 27.56
N LYS A 362 10.04 20.66 26.26
CA LYS A 362 10.42 21.94 25.68
C LYS A 362 9.32 22.97 25.46
N LEU A 363 8.13 22.55 25.01
CA LEU A 363 7.01 23.47 24.72
C LEU A 363 6.56 24.30 25.93
N PRO A 364 6.38 23.79 27.19
CA PRO A 364 5.96 24.68 28.30
C PRO A 364 6.79 25.95 28.44
N PHE A 365 8.12 25.83 28.31
CA PHE A 365 9.07 26.96 28.40
C PHE A 365 8.93 27.91 27.24
N TYR A 366 8.62 27.41 26.04
CA TYR A 366 8.38 28.27 24.86
C TYR A 366 7.15 29.18 25.16
N LEU A 367 6.03 28.56 25.61
CA LEU A 367 4.77 29.25 25.92
C LEU A 367 4.92 30.24 27.07
N GLU A 368 5.70 29.89 28.11
CA GLU A 368 5.92 30.78 29.25
C GLU A 368 6.68 32.05 28.85
N GLU A 369 7.71 31.90 27.99
CA GLU A 369 8.55 32.99 27.54
C GLU A 369 7.92 33.86 26.45
N LYS A 370 6.98 33.30 25.66
CA LYS A 370 6.24 34.03 24.61
C LYS A 370 4.81 34.22 25.16
N GLY A 371 4.73 34.88 26.32
CA GLY A 371 3.52 35.16 27.10
C GLY A 371 2.29 35.64 26.37
N GLN A 372 2.45 36.76 25.64
CA GLN A 372 1.40 37.40 24.84
C GLN A 372 0.97 36.50 23.68
N LEU A 373 1.94 35.88 23.00
CA LEU A 373 1.65 34.99 21.88
C LEU A 373 0.86 33.77 22.33
N SER A 374 1.34 33.09 23.38
CA SER A 374 0.73 31.88 23.92
C SER A 374 -0.68 32.11 24.46
N LYS A 375 -0.94 33.30 25.04
CA LYS A 375 -2.27 33.68 25.56
C LYS A 375 -3.20 33.84 24.35
N SER A 376 -2.67 34.40 23.26
CA SER A 376 -3.38 34.59 22.00
C SER A 376 -3.69 33.23 21.31
N LEU A 377 -2.78 32.26 21.43
CA LEU A 377 -2.92 30.91 20.83
C LEU A 377 -3.91 30.08 21.64
N VAL A 378 -4.00 30.38 22.96
CA VAL A 378 -4.96 29.72 23.86
C VAL A 378 -6.39 30.20 23.47
N LYS A 379 -6.57 31.52 23.36
CA LYS A 379 -7.85 32.16 22.98
C LYS A 379 -8.33 31.69 21.61
N LYS A 380 -7.40 31.60 20.65
CA LYS A 380 -7.62 31.14 19.28
C LYS A 380 -8.25 29.73 19.33
N ALA A 381 -7.64 28.81 20.08
CA ALA A 381 -8.10 27.42 20.26
C ALA A 381 -9.47 27.34 20.98
N ILE A 382 -9.77 28.30 21.86
CA ILE A 382 -11.04 28.38 22.60
C ILE A 382 -12.12 28.77 21.60
N LYS A 383 -11.80 29.72 20.70
CA LYS A 383 -12.72 30.20 19.65
C LYS A 383 -12.98 29.11 18.63
N ALA A 384 -11.98 28.22 18.36
CA ALA A 384 -12.14 27.08 17.44
C ALA A 384 -13.06 26.06 18.13
N GLN A 385 -12.89 25.86 19.45
CA GLN A 385 -13.72 24.94 20.23
C GLN A 385 -15.18 25.46 20.24
N GLN A 386 -15.37 26.77 20.41
CA GLN A 386 -16.70 27.41 20.42
C GLN A 386 -17.39 27.31 19.01
N ALA A 387 -16.61 27.48 17.93
CA ALA A 387 -17.08 27.42 16.53
C ALA A 387 -17.60 26.02 16.20
N ARG A 388 -16.85 25.01 16.66
CA ARG A 388 -17.11 23.58 16.50
C ARG A 388 -18.36 23.23 17.27
N GLU A 389 -18.51 23.75 18.49
CA GLU A 389 -19.67 23.49 19.34
C GLU A 389 -20.93 24.06 18.71
N ALA A 390 -20.86 25.26 18.13
CA ALA A 390 -21.98 25.89 17.44
C ALA A 390 -22.35 25.11 16.18
N ALA A 391 -21.36 24.50 15.48
CA ALA A 391 -21.60 23.67 14.28
C ALA A 391 -22.33 22.42 14.74
N ARG A 392 -21.92 21.87 15.90
CA ARG A 392 -22.54 20.71 16.50
C ARG A 392 -24.01 21.03 16.90
N LYS A 393 -24.27 22.17 17.57
CA LYS A 393 -25.64 22.50 17.99
C LYS A 393 -26.59 22.68 16.79
N ALA A 394 -26.16 23.41 15.75
CA ALA A 394 -26.90 23.65 14.52
C ALA A 394 -27.27 22.33 13.84
N ARG A 395 -26.30 21.40 13.77
CA ARG A 395 -26.49 20.06 13.21
C ARG A 395 -27.55 19.27 14.02
N GLU A 396 -27.48 19.31 15.36
CA GLU A 396 -28.42 18.62 16.26
C GLU A 396 -29.85 19.19 16.09
N ASP A 397 -29.98 20.53 16.00
CA ASP A 397 -31.23 21.26 15.82
C ASP A 397 -31.88 20.90 14.46
N ALA A 398 -31.05 20.79 13.39
CA ALA A 398 -31.51 20.39 12.05
C ALA A 398 -32.02 18.95 12.09
N ARG A 399 -31.37 18.07 12.92
CA ARG A 399 -31.80 16.66 13.04
C ARG A 399 -33.10 16.48 13.84
N SER A 400 -33.22 17.17 15.01
CA SER A 400 -34.39 17.12 15.88
C SER A 400 -35.48 18.07 15.40
CA LEU B 20 11.39 -24.80 -8.93
C LEU B 20 12.43 -24.41 -7.89
N GLU B 21 13.73 -24.43 -8.28
CA GLU B 21 14.88 -24.12 -7.44
C GLU B 21 14.85 -22.67 -6.94
N ALA B 22 14.44 -21.73 -7.83
CA ALA B 22 14.32 -20.29 -7.57
C ALA B 22 13.39 -20.01 -6.39
N VAL B 23 12.22 -20.69 -6.34
CA VAL B 23 11.20 -20.58 -5.27
C VAL B 23 11.78 -21.00 -3.91
N ARG B 24 12.62 -22.04 -3.91
CA ARG B 24 13.28 -22.57 -2.70
C ARG B 24 14.25 -21.50 -2.15
N LYS B 25 14.96 -20.79 -3.05
CA LYS B 25 15.93 -19.72 -2.77
C LYS B 25 15.23 -18.40 -2.38
N ARG B 26 14.03 -18.16 -2.93
CA ARG B 26 13.26 -16.95 -2.66
C ARG B 26 11.82 -17.29 -2.20
N PRO B 27 11.60 -17.92 -1.01
CA PRO B 27 10.22 -18.28 -0.62
C PRO B 27 9.28 -17.09 -0.36
N GLY B 28 9.75 -16.14 0.46
CA GLY B 28 9.02 -14.92 0.81
C GLY B 28 8.73 -14.01 -0.37
N MET B 29 9.55 -14.14 -1.44
CA MET B 29 9.44 -13.39 -2.68
C MET B 29 8.12 -13.73 -3.38
N TYR B 30 7.73 -15.02 -3.39
CA TYR B 30 6.51 -15.50 -4.06
C TYR B 30 5.27 -15.63 -3.17
N ILE B 31 5.44 -15.93 -1.87
CA ILE B 31 4.30 -16.14 -0.96
C ILE B 31 4.23 -15.16 0.25
N GLY B 32 4.98 -14.06 0.20
CA GLY B 32 4.98 -13.05 1.26
C GLY B 32 5.88 -13.32 2.45
N SER B 33 5.48 -14.27 3.32
CA SER B 33 6.21 -14.62 4.55
C SER B 33 6.45 -16.14 4.74
N THR B 34 7.24 -16.47 5.78
CA THR B 34 7.63 -17.81 6.22
C THR B 34 6.74 -18.23 7.43
N ASP B 35 6.00 -17.25 8.02
CA ASP B 35 5.08 -17.49 9.16
C ASP B 35 3.70 -17.91 8.60
N LYS B 36 2.67 -18.05 9.49
CA LYS B 36 1.30 -18.44 9.15
C LYS B 36 0.69 -17.69 7.97
N ARG B 37 1.17 -16.47 7.66
CA ARG B 37 0.68 -15.65 6.54
C ARG B 37 0.94 -16.28 5.16
N GLY B 38 2.19 -16.62 4.87
CA GLY B 38 2.59 -17.23 3.61
C GLY B 38 2.03 -18.63 3.43
N LEU B 39 1.80 -19.30 4.56
CA LEU B 39 1.25 -20.65 4.69
C LEU B 39 -0.17 -20.72 4.11
N HIS B 40 -1.07 -19.82 4.57
CA HIS B 40 -2.46 -19.75 4.12
C HIS B 40 -2.58 -19.29 2.69
N HIS B 41 -1.56 -18.58 2.21
CA HIS B 41 -1.49 -18.10 0.83
C HIS B 41 -1.39 -19.26 -0.18
N LEU B 42 -0.80 -20.42 0.23
CA LEU B 42 -0.64 -21.63 -0.59
C LEU B 42 -2.01 -22.26 -0.84
N VAL B 43 -2.86 -22.33 0.21
CA VAL B 43 -4.25 -22.82 0.23
C VAL B 43 -5.07 -21.99 -0.76
N TYR B 44 -4.87 -20.63 -0.75
CA TYR B 44 -5.56 -19.68 -1.64
C TYR B 44 -5.16 -19.86 -3.10
N GLU B 45 -3.91 -20.23 -3.36
CA GLU B 45 -3.42 -20.46 -4.73
C GLU B 45 -4.07 -21.70 -5.37
N ILE B 46 -4.39 -22.72 -4.55
CA ILE B 46 -5.01 -23.96 -5.06
C ILE B 46 -6.50 -23.70 -5.23
N VAL B 47 -7.12 -23.01 -4.24
CA VAL B 47 -8.54 -22.64 -4.28
C VAL B 47 -8.86 -21.81 -5.54
N ASP B 48 -8.03 -20.80 -5.84
CA ASP B 48 -8.23 -19.95 -7.02
C ASP B 48 -8.19 -20.72 -8.33
N ASN B 49 -7.43 -21.82 -8.41
CA ASN B 49 -7.40 -22.67 -9.62
C ASN B 49 -8.76 -23.35 -9.81
N SER B 50 -9.36 -23.83 -8.72
CA SER B 50 -10.69 -24.44 -8.68
C SER B 50 -11.75 -23.37 -8.99
N VAL B 51 -11.60 -22.15 -8.42
CA VAL B 51 -12.50 -20.99 -8.64
C VAL B 51 -12.47 -20.61 -10.14
N ASP B 52 -11.27 -20.51 -10.73
CA ASP B 52 -11.09 -20.22 -12.18
C ASP B 52 -11.88 -21.22 -13.02
N GLU B 53 -11.86 -22.52 -12.64
CA GLU B 53 -12.58 -23.61 -13.31
C GLU B 53 -14.11 -23.43 -13.18
N VAL B 54 -14.59 -22.96 -12.02
CA VAL B 54 -16.02 -22.68 -11.78
C VAL B 54 -16.41 -21.45 -12.68
N LEU B 55 -15.52 -20.45 -12.80
CA LEU B 55 -15.69 -19.26 -13.65
C LEU B 55 -15.59 -19.65 -15.15
N ASN B 56 -14.97 -20.81 -15.46
CA ASN B 56 -14.89 -21.29 -16.83
C ASN B 56 -16.25 -21.94 -17.23
N GLY B 57 -17.12 -22.23 -16.25
CA GLY B 57 -18.45 -22.82 -16.41
C GLY B 57 -18.59 -24.27 -15.97
N TYR B 58 -17.57 -24.84 -15.25
CA TYR B 58 -17.53 -26.24 -14.84
C TYR B 58 -17.38 -26.46 -13.35
N GLY B 59 -18.36 -27.13 -12.76
CA GLY B 59 -18.41 -27.43 -11.33
C GLY B 59 -19.04 -26.34 -10.48
N ASN B 60 -19.32 -26.63 -9.21
CA ASN B 60 -19.98 -25.66 -8.31
C ASN B 60 -19.72 -25.96 -6.83
N GLU B 61 -18.68 -26.73 -6.52
CA GLU B 61 -18.33 -27.17 -5.18
C GLU B 61 -16.84 -27.26 -4.97
N ILE B 62 -16.34 -26.66 -3.87
CA ILE B 62 -14.93 -26.67 -3.43
C ILE B 62 -14.94 -27.13 -1.99
N ASP B 63 -14.09 -28.10 -1.67
CA ASP B 63 -13.97 -28.63 -0.32
C ASP B 63 -12.52 -28.47 0.11
N VAL B 64 -12.32 -27.77 1.21
CA VAL B 64 -11.00 -27.54 1.80
C VAL B 64 -11.01 -28.35 3.11
N THR B 65 -10.03 -29.24 3.27
CA THR B 65 -9.97 -30.10 4.44
C THR B 65 -8.60 -30.08 5.06
N ILE B 66 -8.51 -29.55 6.31
CA ILE B 66 -7.25 -29.54 7.03
C ILE B 66 -7.26 -30.93 7.67
N ASN B 67 -6.32 -31.79 7.23
CA ASN B 67 -6.19 -33.17 7.70
C ASN B 67 -5.45 -33.27 9.05
N LYS B 68 -5.65 -34.40 9.74
CA LYS B 68 -5.03 -34.71 11.06
C LYS B 68 -3.50 -34.59 11.07
N ASP B 69 -2.83 -34.90 9.93
CA ASP B 69 -1.36 -34.84 9.77
C ASP B 69 -0.79 -33.45 9.42
N GLY B 70 -1.61 -32.41 9.55
CA GLY B 70 -1.17 -31.05 9.23
C GLY B 70 -1.12 -30.70 7.75
N SER B 71 -1.56 -31.64 6.87
CA SER B 71 -1.62 -31.44 5.42
C SER B 71 -3.02 -30.91 5.08
N ILE B 72 -3.18 -30.30 3.90
CA ILE B 72 -4.48 -29.75 3.49
C ILE B 72 -4.89 -30.24 2.11
N SER B 73 -6.18 -30.59 1.99
CA SER B 73 -6.77 -31.07 0.74
C SER B 73 -7.75 -30.02 0.16
N ILE B 74 -7.59 -29.68 -1.13
CA ILE B 74 -8.50 -28.77 -1.84
C ILE B 74 -9.10 -29.62 -3.00
N GLU B 75 -10.39 -29.85 -2.95
CA GLU B 75 -11.06 -30.66 -3.93
C GLU B 75 -12.18 -29.88 -4.63
N ASP B 76 -12.22 -29.97 -5.96
CA ASP B 76 -13.27 -29.36 -6.77
C ASP B 76 -14.00 -30.43 -7.64
N ASN B 77 -15.16 -30.08 -8.16
CA ASN B 77 -15.90 -30.98 -9.05
C ASN B 77 -15.91 -30.37 -10.48
N GLY B 78 -14.79 -29.81 -10.92
CA GLY B 78 -14.65 -29.21 -12.24
C GLY B 78 -14.40 -30.28 -13.26
N ARG B 79 -13.88 -29.95 -14.45
CA ARG B 79 -13.62 -30.95 -15.49
C ARG B 79 -12.52 -31.94 -15.12
N GLY B 80 -11.61 -31.53 -14.25
CA GLY B 80 -10.46 -32.33 -13.87
C GLY B 80 -9.32 -31.91 -14.78
N MET B 81 -8.11 -31.85 -14.25
CA MET B 81 -6.92 -31.45 -15.03
C MET B 81 -6.64 -32.39 -16.21
N PRO B 82 -6.09 -31.88 -17.35
CA PRO B 82 -5.79 -32.79 -18.49
C PRO B 82 -4.79 -33.88 -18.08
N THR B 83 -5.11 -35.15 -18.38
CA THR B 83 -4.31 -36.30 -18.00
C THR B 83 -3.37 -36.82 -19.09
N GLY B 84 -3.44 -36.20 -20.28
CA GLY B 84 -2.65 -36.59 -21.44
C GLY B 84 -1.29 -35.93 -21.55
N ILE B 85 -0.58 -36.20 -22.65
CA ILE B 85 0.75 -35.64 -22.89
C ILE B 85 0.59 -34.18 -23.30
N HIS B 86 1.48 -33.31 -22.80
CA HIS B 86 1.49 -31.89 -23.09
C HIS B 86 2.13 -31.67 -24.49
N LYS B 87 2.18 -30.39 -24.96
CA LYS B 87 2.80 -29.98 -26.24
C LYS B 87 4.27 -30.40 -26.11
N SER B 88 4.90 -30.03 -24.96
CA SER B 88 6.27 -30.42 -24.59
C SER B 88 6.08 -31.90 -24.29
N GLY B 89 7.07 -32.73 -24.57
CA GLY B 89 6.94 -34.17 -24.34
C GLY B 89 6.51 -34.69 -22.98
N LYS B 90 6.40 -33.81 -21.99
CA LYS B 90 6.04 -34.16 -20.62
C LYS B 90 4.51 -34.35 -20.38
N PRO B 91 4.09 -35.26 -19.45
CA PRO B 91 2.66 -35.38 -19.13
C PRO B 91 2.16 -34.06 -18.55
N THR B 92 0.91 -33.65 -18.88
CA THR B 92 0.30 -32.37 -18.49
C THR B 92 0.34 -32.08 -16.99
N VAL B 93 -0.11 -33.04 -16.14
CA VAL B 93 -0.12 -32.91 -14.68
C VAL B 93 1.28 -32.51 -14.16
N GLU B 94 2.32 -33.17 -14.67
CA GLU B 94 3.73 -32.92 -14.34
C GLU B 94 4.19 -31.54 -14.76
N VAL B 95 3.78 -31.05 -15.93
CA VAL B 95 4.16 -29.71 -16.40
C VAL B 95 3.54 -28.68 -15.43
N ILE B 96 2.28 -28.94 -14.98
CA ILE B 96 1.58 -28.06 -14.05
C ILE B 96 2.32 -27.87 -12.72
N PHE B 97 2.59 -28.95 -12.03
CA PHE B 97 3.23 -28.95 -10.73
C PHE B 97 4.74 -28.84 -10.71
N THR B 98 5.37 -28.94 -11.87
CA THR B 98 6.82 -28.96 -12.09
C THR B 98 7.37 -27.73 -12.82
N VAL B 99 6.67 -27.21 -13.83
CA VAL B 99 7.16 -26.05 -14.56
C VAL B 99 6.71 -24.78 -13.85
N LEU B 100 7.72 -23.99 -13.39
CA LEU B 100 7.60 -22.73 -12.65
C LEU B 100 6.58 -21.81 -13.28
N HIS B 101 5.52 -21.48 -12.49
CA HIS B 101 4.38 -20.61 -12.85
C HIS B 101 3.52 -21.12 -14.05
N ALA B 102 3.58 -22.44 -14.43
CA ALA B 102 2.77 -23.00 -15.53
C ALA B 102 1.27 -22.72 -15.24
N GLY B 103 0.54 -22.34 -16.27
CA GLY B 103 -0.85 -21.92 -16.18
C GLY B 103 -0.94 -20.43 -16.48
N GLY B 104 0.16 -19.73 -16.19
CA GLY B 104 0.34 -18.30 -16.47
C GLY B 104 -0.46 -17.34 -15.60
N GLY B 119 -1.17 -15.30 -8.54
CA GLY B 119 -1.18 -16.35 -9.56
C GLY B 119 0.20 -16.94 -9.73
N VAL B 120 0.78 -17.41 -8.61
CA VAL B 120 2.13 -17.98 -8.57
C VAL B 120 2.20 -19.34 -9.30
N GLY B 121 1.07 -20.07 -9.37
CA GLY B 121 0.95 -21.36 -10.03
C GLY B 121 0.97 -22.53 -9.08
N ALA B 122 0.46 -23.69 -9.52
CA ALA B 122 0.42 -24.92 -8.72
C ALA B 122 1.83 -25.40 -8.33
N SER B 123 2.81 -25.13 -9.21
CA SER B 123 4.24 -25.44 -9.09
C SER B 123 4.88 -24.81 -7.84
N VAL B 124 4.58 -23.52 -7.55
CA VAL B 124 5.11 -22.79 -6.39
C VAL B 124 4.73 -23.49 -5.09
N VAL B 125 3.48 -23.97 -5.00
CA VAL B 125 2.94 -24.71 -3.84
C VAL B 125 3.72 -26.03 -3.70
N ASN B 126 4.03 -26.69 -4.85
CA ASN B 126 4.75 -27.97 -4.92
C ASN B 126 6.18 -27.77 -4.40
N ALA B 127 6.86 -26.73 -4.93
CA ALA B 127 8.20 -26.32 -4.55
C ALA B 127 8.33 -26.06 -3.04
N LEU B 128 7.26 -25.51 -2.39
CA LEU B 128 7.27 -25.21 -0.95
C LEU B 128 6.61 -26.26 -0.08
N SER B 129 6.44 -27.47 -0.63
CA SER B 129 5.80 -28.58 0.07
C SER B 129 6.78 -29.72 0.30
N GLU B 130 6.66 -30.39 1.47
CA GLU B 130 7.41 -31.56 1.91
C GLU B 130 7.02 -32.68 0.90
N TRP B 131 5.70 -32.78 0.65
CA TRP B 131 5.09 -33.68 -0.30
C TRP B 131 3.80 -33.06 -0.84
N LEU B 132 3.38 -33.47 -2.04
CA LEU B 132 2.16 -33.03 -2.69
C LEU B 132 1.60 -34.19 -3.50
N GLU B 133 0.29 -34.45 -3.33
CA GLU B 133 -0.49 -35.50 -4.02
C GLU B 133 -1.66 -34.91 -4.87
N VAL B 134 -1.80 -35.38 -6.12
CA VAL B 134 -2.87 -34.94 -7.01
C VAL B 134 -3.71 -36.15 -7.48
N GLU B 135 -5.04 -35.98 -7.35
CA GLU B 135 -6.05 -36.95 -7.74
C GLU B 135 -6.96 -36.34 -8.79
N ILE B 136 -7.03 -36.95 -9.96
CA ILE B 136 -7.89 -36.48 -11.03
C ILE B 136 -8.97 -37.52 -11.24
N HIS B 137 -10.23 -37.07 -11.19
CA HIS B 137 -11.42 -37.88 -11.38
C HIS B 137 -11.96 -37.61 -12.78
N ARG B 138 -11.81 -38.58 -13.69
CA ARG B 138 -12.26 -38.46 -15.08
C ARG B 138 -12.66 -39.77 -15.69
N ASP B 139 -13.85 -39.78 -16.36
CA ASP B 139 -14.47 -40.91 -17.06
C ASP B 139 -14.56 -42.21 -16.21
N GLY B 140 -14.95 -42.07 -14.95
CA GLY B 140 -15.10 -43.19 -14.01
C GLY B 140 -13.82 -43.71 -13.35
N ASN B 141 -12.68 -43.04 -13.61
CA ASN B 141 -11.38 -43.41 -13.06
C ASN B 141 -10.68 -42.30 -12.28
N ILE B 142 -9.84 -42.72 -11.31
CA ILE B 142 -9.00 -41.85 -10.51
C ILE B 142 -7.56 -42.03 -11.03
N TYR B 143 -6.91 -40.91 -11.37
CA TYR B 143 -5.53 -40.81 -11.83
C TYR B 143 -4.76 -40.13 -10.69
N HIS B 144 -3.67 -40.78 -10.18
CA HIS B 144 -2.88 -40.29 -9.06
CA HIS B 144 -2.86 -40.32 -9.05
C HIS B 144 -1.43 -39.99 -9.41
N GLN B 145 -0.88 -38.99 -8.77
CA GLN B 145 0.50 -38.58 -8.95
C GLN B 145 0.98 -37.94 -7.68
N SER B 146 2.23 -38.24 -7.30
CA SER B 146 2.80 -37.71 -6.08
C SER B 146 4.13 -37.08 -6.37
N PHE B 147 4.48 -36.13 -5.52
CA PHE B 147 5.70 -35.33 -5.59
C PHE B 147 6.26 -35.22 -4.16
N LYS B 148 7.56 -34.99 -4.04
CA LYS B 148 8.24 -34.88 -2.72
C LYS B 148 9.40 -33.90 -2.77
N ASN B 149 9.87 -33.41 -1.60
CA ASN B 149 11.00 -32.49 -1.45
C ASN B 149 10.80 -31.20 -2.26
N GLY B 150 11.69 -30.89 -3.21
CA GLY B 150 11.52 -29.68 -4.01
C GLY B 150 10.36 -29.69 -5.01
N GLY B 151 9.52 -30.72 -4.92
CA GLY B 151 8.40 -30.96 -5.83
C GLY B 151 8.80 -31.89 -6.96
N SER B 152 9.69 -32.85 -6.68
CA SER B 152 10.15 -33.81 -7.68
C SER B 152 9.15 -34.95 -7.71
N PRO B 153 8.81 -35.49 -8.92
CA PRO B 153 7.83 -36.58 -8.96
C PRO B 153 8.31 -37.81 -8.22
N SER B 154 7.46 -38.36 -7.35
CA SER B 154 7.77 -39.55 -6.60
C SER B 154 7.05 -40.74 -7.26
N SER B 155 6.32 -40.47 -8.37
CA SER B 155 5.56 -41.44 -9.16
C SER B 155 5.15 -40.79 -10.49
N GLY B 156 4.57 -41.58 -11.40
CA GLY B 156 4.04 -41.07 -12.65
C GLY B 156 2.55 -40.81 -12.45
N LEU B 157 1.82 -40.41 -13.49
CA LEU B 157 0.37 -40.25 -13.31
C LEU B 157 -0.17 -41.65 -13.59
N VAL B 158 -0.78 -42.27 -12.56
CA VAL B 158 -1.26 -43.65 -12.58
C VAL B 158 -2.74 -43.78 -12.36
N LYS B 159 -3.40 -44.58 -13.22
CA LYS B 159 -4.82 -44.90 -13.12
C LYS B 159 -4.96 -45.92 -11.98
N LYS B 160 -5.72 -45.60 -10.92
CA LYS B 160 -5.90 -46.52 -9.79
C LYS B 160 -7.16 -46.23 -8.97
N GLY B 161 -8.23 -46.95 -9.28
CA GLY B 161 -9.49 -46.80 -8.57
C GLY B 161 -10.63 -46.27 -9.40
N LYS B 162 -11.87 -46.56 -8.97
CA LYS B 162 -13.10 -46.14 -9.66
C LYS B 162 -13.66 -44.91 -8.98
N THR B 163 -14.41 -44.09 -9.73
CA THR B 163 -15.03 -42.86 -9.20
C THR B 163 -16.39 -42.54 -9.83
N LYS B 164 -17.27 -41.93 -9.02
CA LYS B 164 -18.62 -41.54 -9.42
C LYS B 164 -18.71 -40.06 -9.78
N LYS B 165 -17.59 -39.30 -9.64
CA LYS B 165 -17.52 -37.86 -9.93
C LYS B 165 -16.36 -37.47 -10.88
N THR B 166 -16.34 -36.19 -11.27
CA THR B 166 -15.28 -35.57 -12.09
C THR B 166 -14.68 -34.44 -11.26
N GLY B 167 -13.42 -34.11 -11.50
CA GLY B 167 -12.77 -33.05 -10.76
C GLY B 167 -11.32 -33.29 -10.42
N THR B 168 -10.78 -32.43 -9.57
CA THR B 168 -9.38 -32.45 -9.14
C THR B 168 -9.34 -32.33 -7.62
N LYS B 169 -8.41 -33.04 -6.99
CA LYS B 169 -8.12 -33.02 -5.56
C LYS B 169 -6.61 -32.83 -5.45
N VAL B 170 -6.18 -31.86 -4.65
CA VAL B 170 -4.77 -31.56 -4.43
C VAL B 170 -4.57 -31.53 -2.93
N THR B 171 -3.64 -32.37 -2.43
CA THR B 171 -3.26 -32.47 -1.02
C THR B 171 -1.80 -32.12 -0.92
N PHE B 172 -1.43 -31.31 0.07
CA PHE B 172 -0.02 -30.92 0.26
C PHE B 172 0.30 -30.59 1.72
N LYS B 173 1.53 -30.96 2.14
CA LYS B 173 2.08 -30.68 3.45
C LYS B 173 3.16 -29.64 3.22
N PRO B 174 3.00 -28.41 3.75
CA PRO B 174 4.05 -27.38 3.54
C PRO B 174 5.39 -27.79 4.16
N ASP B 175 6.50 -27.47 3.49
CA ASP B 175 7.86 -27.81 3.95
C ASP B 175 8.29 -27.07 5.24
N ASP B 176 8.84 -27.84 6.21
CA ASP B 176 9.32 -27.29 7.50
C ASP B 176 10.57 -26.44 7.33
N THR B 177 11.46 -26.83 6.40
CA THR B 177 12.72 -26.13 6.08
C THR B 177 12.45 -24.74 5.48
N ILE B 178 11.17 -24.44 5.23
CA ILE B 178 10.67 -23.16 4.69
C ILE B 178 9.74 -22.56 5.76
N PHE B 179 8.95 -23.41 6.46
CA PHE B 179 8.01 -22.94 7.47
C PHE B 179 8.47 -23.28 8.90
N LYS B 180 9.37 -22.42 9.42
CA LYS B 180 9.90 -22.47 10.77
C LYS B 180 8.84 -21.75 11.62
N ALA B 181 8.34 -22.45 12.67
CA ALA B 181 7.27 -22.13 13.65
C ALA B 181 6.11 -23.09 13.37
N SER B 182 4.89 -22.81 13.90
CA SER B 182 3.71 -23.66 13.67
C SER B 182 3.32 -23.67 12.19
N THR B 183 3.50 -24.83 11.52
CA THR B 183 3.15 -25.01 10.11
C THR B 183 1.65 -25.42 9.98
N SER B 184 0.94 -25.44 11.13
CA SER B 184 -0.48 -25.79 11.23
C SER B 184 -1.35 -24.61 10.79
N PHE B 185 -2.37 -24.90 9.95
CA PHE B 185 -3.30 -23.92 9.39
C PHE B 185 -4.35 -23.49 10.43
N ASN B 186 -4.89 -22.28 10.26
CA ASN B 186 -5.92 -21.75 11.16
C ASN B 186 -7.29 -21.73 10.44
N PHE B 187 -8.26 -22.45 11.00
CA PHE B 187 -9.62 -22.59 10.49
C PHE B 187 -10.29 -21.24 10.27
N ASP B 188 -10.26 -20.36 11.29
CA ASP B 188 -10.90 -19.04 11.26
C ASP B 188 -10.28 -18.05 10.25
N VAL B 189 -8.99 -18.23 9.88
CA VAL B 189 -8.31 -17.40 8.87
C VAL B 189 -8.78 -17.85 7.47
N LEU B 190 -8.96 -19.19 7.31
CA LEU B 190 -9.38 -19.77 6.03
C LEU B 190 -10.86 -19.48 5.81
N SER B 191 -11.64 -19.65 6.88
CA SER B 191 -13.08 -19.44 7.02
C SER B 191 -13.52 -18.10 6.39
N GLU B 192 -12.86 -17.00 6.82
CA GLU B 192 -13.06 -15.62 6.40
C GLU B 192 -12.84 -15.40 4.90
N ARG B 193 -11.72 -15.87 4.32
CA ARG B 193 -11.43 -15.70 2.89
C ARG B 193 -12.31 -16.61 2.02
N LEU B 194 -12.59 -17.84 2.49
CA LEU B 194 -13.40 -18.79 1.75
C LEU B 194 -14.84 -18.32 1.67
N GLN B 195 -15.38 -17.75 2.78
CA GLN B 195 -16.75 -17.22 2.86
C GLN B 195 -16.93 -16.10 1.84
N GLU B 196 -15.90 -15.24 1.71
CA GLU B 196 -15.82 -14.13 0.76
C GLU B 196 -15.85 -14.66 -0.66
N SER B 197 -15.07 -15.72 -0.95
CA SER B 197 -15.04 -16.36 -2.27
C SER B 197 -16.43 -16.87 -2.63
N ALA B 198 -17.16 -17.45 -1.64
CA ALA B 198 -18.53 -17.96 -1.84
C ALA B 198 -19.51 -16.80 -2.08
N PHE B 199 -19.32 -15.65 -1.39
CA PHE B 199 -20.19 -14.48 -1.60
C PHE B 199 -20.02 -13.87 -2.99
N LEU B 200 -18.79 -13.90 -3.55
CA LEU B 200 -18.50 -13.30 -4.86
C LEU B 200 -18.88 -14.13 -6.07
N LEU B 201 -19.03 -15.44 -5.90
CA LEU B 201 -19.40 -16.32 -7.00
C LEU B 201 -20.64 -17.03 -6.54
N LYS B 202 -21.83 -16.51 -6.96
CA LYS B 202 -23.13 -17.05 -6.53
C LYS B 202 -23.35 -18.50 -6.93
N ASN B 203 -23.91 -19.23 -5.99
CA ASN B 203 -24.24 -20.64 -6.10
C ASN B 203 -23.01 -21.57 -5.96
N LEU B 204 -21.80 -21.00 -5.73
CA LEU B 204 -20.60 -21.80 -5.50
C LEU B 204 -20.67 -22.26 -4.03
N LYS B 205 -20.55 -23.58 -3.80
CA LYS B 205 -20.56 -24.21 -2.49
C LYS B 205 -19.14 -24.47 -1.99
N ILE B 206 -18.77 -23.81 -0.89
CA ILE B 206 -17.46 -24.02 -0.30
C ILE B 206 -17.62 -24.64 1.07
N THR B 207 -16.93 -25.78 1.33
CA THR B 207 -16.94 -26.44 2.64
C THR B 207 -15.55 -26.38 3.24
N LEU B 208 -15.44 -25.97 4.52
CA LEU B 208 -14.18 -25.96 5.23
C LEU B 208 -14.28 -27.01 6.35
N ASN B 209 -13.35 -27.96 6.33
CA ASN B 209 -13.30 -29.05 7.30
C ASN B 209 -12.03 -29.08 8.08
N ASP B 210 -12.15 -29.31 9.40
CA ASP B 210 -11.00 -29.47 10.28
C ASP B 210 -11.16 -30.86 10.88
N LEU B 211 -10.16 -31.73 10.66
CA LEU B 211 -10.17 -33.11 11.15
C LEU B 211 -9.27 -33.30 12.38
N ARG B 212 -8.38 -32.31 12.66
CA ARG B 212 -7.41 -32.28 13.77
C ARG B 212 -7.99 -32.48 15.19
N SER B 213 -7.10 -32.94 16.10
CA SER B 213 -7.29 -33.26 17.52
C SER B 213 -8.06 -32.21 18.33
N GLY B 214 -9.32 -32.53 18.66
CA GLY B 214 -10.22 -31.68 19.44
C GLY B 214 -10.50 -30.29 18.85
N LYS B 215 -9.89 -29.99 17.68
CA LYS B 215 -9.99 -28.75 16.90
C LYS B 215 -10.92 -28.97 15.70
N GLU B 216 -11.69 -30.07 15.69
CA GLU B 216 -12.60 -30.44 14.61
C GLU B 216 -13.86 -29.57 14.55
N ARG B 217 -14.20 -29.17 13.32
CA ARG B 217 -15.35 -28.34 12.94
C ARG B 217 -15.59 -28.41 11.44
N GLN B 218 -16.83 -28.10 11.02
CA GLN B 218 -17.26 -28.05 9.61
C GLN B 218 -18.16 -26.83 9.38
N GLU B 219 -17.80 -26.04 8.37
CA GLU B 219 -18.54 -24.87 7.96
C GLU B 219 -18.78 -24.92 6.47
N HIS B 220 -19.99 -24.52 6.06
CA HIS B 220 -20.45 -24.49 4.69
C HIS B 220 -20.81 -23.04 4.31
N TYR B 221 -20.34 -22.56 3.15
CA TYR B 221 -20.61 -21.21 2.65
C TYR B 221 -21.18 -21.34 1.27
N HIS B 222 -22.51 -21.09 1.17
CA HIS B 222 -23.26 -21.17 -0.07
C HIS B 222 -24.28 -20.03 -0.15
N TYR B 223 -24.11 -19.15 -1.15
CA TYR B 223 -24.97 -17.98 -1.33
C TYR B 223 -25.54 -17.93 -2.72
N GLU B 224 -26.82 -18.30 -2.85
CA GLU B 224 -27.49 -18.34 -4.15
C GLU B 224 -27.62 -16.97 -4.77
N GLU B 225 -27.77 -15.94 -3.94
CA GLU B 225 -27.90 -14.53 -4.39
C GLU B 225 -26.56 -13.79 -4.31
N GLY B 226 -25.50 -14.50 -3.96
CA GLY B 226 -24.14 -13.97 -3.88
C GLY B 226 -23.97 -12.63 -3.16
N ILE B 227 -23.46 -11.63 -3.92
CA ILE B 227 -23.17 -10.23 -3.56
C ILE B 227 -24.32 -9.57 -2.71
N LYS B 228 -25.58 -9.92 -3.01
CA LYS B 228 -26.77 -9.44 -2.33
C LYS B 228 -26.74 -9.96 -0.89
N GLU B 229 -26.36 -11.22 -0.69
CA GLU B 229 -26.29 -11.87 0.63
C GLU B 229 -25.15 -11.31 1.44
N PHE B 230 -24.06 -10.91 0.73
CA PHE B 230 -22.88 -10.28 1.31
C PHE B 230 -23.28 -8.94 1.98
N VAL B 231 -24.10 -8.13 1.30
CA VAL B 231 -24.53 -6.82 1.83
C VAL B 231 -25.37 -7.01 3.11
N SER B 232 -26.32 -7.96 3.07
CA SER B 232 -27.18 -8.32 4.20
C SER B 232 -26.30 -8.72 5.38
N TYR B 233 -25.27 -9.54 5.12
CA TYR B 233 -24.30 -9.98 6.11
C TYR B 233 -23.59 -8.76 6.72
N VAL B 234 -22.99 -7.85 5.88
CA VAL B 234 -22.29 -6.64 6.37
C VAL B 234 -23.19 -5.71 7.23
N ASN B 235 -24.53 -5.76 7.05
CA ASN B 235 -25.52 -4.94 7.75
C ASN B 235 -26.24 -5.71 8.84
N GLU B 236 -25.78 -6.92 9.15
CA GLU B 236 -26.40 -7.80 10.15
C GLU B 236 -26.73 -7.17 11.50
N GLY B 237 -25.83 -6.34 12.03
CA GLY B 237 -26.00 -5.67 13.31
C GLY B 237 -26.69 -4.33 13.24
N LYS B 238 -27.36 -4.01 12.10
CA LYS B 238 -28.04 -2.71 11.94
C LYS B 238 -29.43 -2.85 11.39
N GLU B 239 -30.33 -1.88 11.67
CA GLU B 239 -31.68 -1.88 11.08
C GLU B 239 -31.46 -1.40 9.63
N VAL B 240 -32.04 -2.09 8.66
CA VAL B 240 -31.92 -1.76 7.24
C VAL B 240 -33.18 -1.02 6.81
N LEU B 241 -33.11 -0.24 5.73
CA LEU B 241 -34.24 0.55 5.26
C LEU B 241 -35.04 -0.06 4.12
N HIS B 242 -34.50 -1.10 3.51
CA HIS B 242 -35.12 -1.75 2.35
C HIS B 242 -34.36 -3.00 2.05
N ASP B 243 -34.92 -3.84 1.16
CA ASP B 243 -34.31 -5.09 0.67
C ASP B 243 -33.10 -4.71 -0.18
N VAL B 244 -32.07 -5.57 -0.19
CA VAL B 244 -30.85 -5.33 -0.95
C VAL B 244 -31.17 -5.01 -2.43
N ALA B 245 -30.68 -3.88 -2.92
CA ALA B 245 -30.85 -3.49 -4.32
C ALA B 245 -29.64 -4.09 -5.02
N THR B 246 -29.86 -4.75 -6.17
CA THR B 246 -28.76 -5.38 -6.90
C THR B 246 -28.93 -5.23 -8.40
N PHE B 247 -27.80 -5.16 -9.12
CA PHE B 247 -27.76 -5.08 -10.57
C PHE B 247 -26.39 -5.43 -11.11
N SER B 248 -26.37 -5.95 -12.33
CA SER B 248 -25.14 -6.42 -13.01
C SER B 248 -25.10 -5.95 -14.45
N GLY B 249 -23.92 -5.98 -15.04
CA GLY B 249 -23.76 -5.55 -16.42
C GLY B 249 -22.34 -5.59 -16.89
N GLU B 250 -22.10 -5.15 -18.12
CA GLU B 250 -20.76 -5.14 -18.70
C GLU B 250 -20.55 -3.87 -19.48
N ALA B 251 -19.30 -3.36 -19.50
CA ALA B 251 -18.94 -2.18 -20.28
C ALA B 251 -17.42 -2.16 -20.37
N ASN B 252 -16.85 -1.62 -21.49
CA ASN B 252 -15.39 -1.53 -21.73
C ASN B 252 -14.65 -2.89 -21.62
N GLY B 253 -15.39 -3.98 -21.84
CA GLY B 253 -14.87 -5.35 -21.73
C GLY B 253 -14.77 -5.85 -20.29
N ILE B 254 -15.41 -5.12 -19.33
CA ILE B 254 -15.40 -5.41 -17.89
C ILE B 254 -16.81 -5.73 -17.37
N GLU B 255 -16.97 -6.86 -16.65
CA GLU B 255 -18.28 -7.16 -16.08
C GLU B 255 -18.35 -6.63 -14.64
N VAL B 256 -19.45 -5.97 -14.31
CA VAL B 256 -19.62 -5.36 -13.02
C VAL B 256 -20.86 -5.88 -12.31
N ASP B 257 -20.69 -6.18 -11.03
CA ASP B 257 -21.76 -6.65 -10.15
C ASP B 257 -21.86 -5.67 -9.00
N VAL B 258 -23.06 -5.13 -8.75
CA VAL B 258 -23.32 -4.16 -7.71
C VAL B 258 -24.49 -4.56 -6.83
N ALA B 259 -24.34 -4.32 -5.51
CA ALA B 259 -25.40 -4.54 -4.55
C ALA B 259 -25.22 -3.51 -3.48
N PHE B 260 -26.33 -2.98 -2.98
CA PHE B 260 -26.29 -1.97 -1.92
C PHE B 260 -27.52 -2.03 -1.10
N GLN B 261 -27.38 -1.57 0.16
CA GLN B 261 -28.48 -1.48 1.09
C GLN B 261 -28.16 -0.46 2.16
N TYR B 262 -29.10 0.50 2.35
CA TYR B 262 -29.02 1.49 3.40
C TYR B 262 -29.46 0.88 4.73
N ASN B 263 -28.81 1.33 5.79
CA ASN B 263 -29.11 0.98 7.17
C ASN B 263 -29.49 2.32 7.84
N ASP B 264 -29.92 2.32 9.13
CA ASP B 264 -30.29 3.59 9.82
C ASP B 264 -29.10 4.34 10.48
N GLN B 265 -27.87 3.88 10.25
CA GLN B 265 -26.67 4.54 10.82
C GLN B 265 -26.08 5.56 9.83
N TYR B 266 -25.11 6.39 10.24
CA TYR B 266 -24.53 7.45 9.40
C TYR B 266 -23.26 7.07 8.67
N SER B 267 -22.67 5.91 8.99
CA SER B 267 -21.43 5.52 8.34
C SER B 267 -21.61 4.71 7.03
N GLU B 268 -20.61 4.80 6.15
CA GLU B 268 -20.62 4.06 4.89
C GLU B 268 -19.68 2.83 4.98
N SER B 269 -20.01 1.76 4.27
CA SER B 269 -19.18 0.54 4.16
C SER B 269 -19.23 0.12 2.71
N ILE B 270 -18.24 0.57 1.94
CA ILE B 270 -18.13 0.25 0.52
C ILE B 270 -17.01 -0.80 0.43
N LEU B 271 -17.35 -2.02 -0.01
CA LEU B 271 -16.43 -3.13 -0.20
C LEU B 271 -16.30 -3.36 -1.72
N SER B 272 -15.06 -3.44 -2.22
CA SER B 272 -14.80 -3.60 -3.65
C SER B 272 -13.87 -4.75 -3.94
N PHE B 273 -14.10 -5.40 -5.09
CA PHE B 273 -13.39 -6.59 -5.49
C PHE B 273 -13.02 -6.58 -6.97
N VAL B 274 -11.82 -7.10 -7.28
CA VAL B 274 -11.32 -7.24 -8.65
C VAL B 274 -10.97 -8.71 -8.82
N ASN B 275 -11.60 -9.38 -9.81
CA ASN B 275 -11.40 -10.77 -10.18
C ASN B 275 -11.54 -11.72 -8.99
N ASN B 276 -12.67 -11.60 -8.29
CA ASN B 276 -13.09 -12.35 -7.11
C ASN B 276 -12.15 -12.20 -5.93
N VAL B 277 -11.32 -11.15 -5.94
CA VAL B 277 -10.41 -10.91 -4.84
C VAL B 277 -10.49 -9.44 -4.43
N ARG B 278 -10.56 -9.21 -3.11
CA ARG B 278 -10.69 -7.94 -2.41
C ARG B 278 -9.62 -6.90 -2.66
N THR B 279 -10.09 -5.65 -2.91
CA THR B 279 -9.28 -4.47 -3.11
C THR B 279 -9.61 -3.56 -1.92
N LYS B 280 -9.01 -3.83 -0.73
CA LYS B 280 -9.24 -3.09 0.53
C LYS B 280 -9.07 -1.56 0.44
N ASP B 281 -8.29 -1.05 -0.56
CA ASP B 281 -8.05 0.40 -0.73
C ASP B 281 -8.80 1.01 -1.93
N GLY B 282 -9.76 0.25 -2.46
CA GLY B 282 -10.62 0.65 -3.55
C GLY B 282 -9.96 0.83 -4.88
N GLY B 283 -10.19 2.00 -5.44
CA GLY B 283 -9.68 2.38 -6.74
C GLY B 283 -10.72 2.93 -7.68
N THR B 284 -10.43 2.75 -8.95
CA THR B 284 -11.14 3.23 -10.11
C THR B 284 -12.57 2.64 -10.22
N HIS B 285 -12.78 1.38 -9.83
CA HIS B 285 -14.10 0.74 -9.84
C HIS B 285 -14.99 1.32 -8.72
N GLU B 286 -14.39 1.71 -7.57
CA GLU B 286 -15.08 2.33 -6.44
C GLU B 286 -15.41 3.77 -6.81
N VAL B 287 -14.46 4.47 -7.49
CA VAL B 287 -14.72 5.86 -7.94
C VAL B 287 -15.93 5.89 -8.89
N GLY B 288 -15.99 4.94 -9.84
CA GLY B 288 -17.06 4.80 -10.81
C GLY B 288 -18.42 4.61 -10.15
N PHE B 289 -18.47 3.73 -9.12
CA PHE B 289 -19.70 3.48 -8.36
C PHE B 289 -20.17 4.75 -7.65
N LYS B 290 -19.25 5.42 -6.94
CA LYS B 290 -19.56 6.63 -6.17
C LYS B 290 -20.01 7.79 -7.01
N THR B 291 -19.37 8.05 -8.16
CA THR B 291 -19.75 9.16 -9.03
C THR B 291 -21.13 8.93 -9.69
N ALA B 292 -21.36 7.73 -10.25
CA ALA B 292 -22.63 7.42 -10.89
C ALA B 292 -23.77 7.40 -9.88
N MET B 293 -23.53 6.88 -8.68
CA MET B 293 -24.53 6.82 -7.62
C MET B 293 -25.06 8.25 -7.26
N THR B 294 -24.14 9.22 -7.08
CA THR B 294 -24.54 10.59 -6.73
C THR B 294 -25.19 11.31 -7.92
N ARG B 295 -24.64 11.11 -9.13
CA ARG B 295 -25.18 11.72 -10.32
C ARG B 295 -26.61 11.20 -10.58
N VAL B 296 -26.85 9.87 -10.51
CA VAL B 296 -28.22 9.43 -10.79
C VAL B 296 -29.16 9.76 -9.60
N PHE B 297 -28.69 9.76 -8.35
CA PHE B 297 -29.59 10.18 -7.27
C PHE B 297 -30.02 11.66 -7.48
N ASN B 298 -29.11 12.51 -7.96
CA ASN B 298 -29.40 13.92 -8.25
C ASN B 298 -30.36 14.05 -9.42
N ASP B 299 -30.16 13.26 -10.51
CA ASP B 299 -31.04 13.27 -11.67
C ASP B 299 -32.44 12.94 -11.23
N TYR B 300 -32.58 11.85 -10.45
CA TYR B 300 -33.85 11.38 -9.95
C TYR B 300 -34.55 12.38 -9.01
N ALA B 301 -33.84 12.93 -8.00
CA ALA B 301 -34.37 13.90 -7.03
C ALA B 301 -34.93 15.12 -7.73
N ARG B 302 -34.23 15.61 -8.78
CA ARG B 302 -34.59 16.78 -9.59
C ARG B 302 -35.82 16.46 -10.45
N ARG B 303 -35.84 15.26 -11.07
CA ARG B 303 -36.95 14.77 -11.88
C ARG B 303 -38.24 14.71 -11.07
N ILE B 304 -38.16 14.29 -9.79
CA ILE B 304 -39.37 14.19 -8.94
C ILE B 304 -39.63 15.48 -8.15
N ASN B 305 -38.83 16.52 -8.39
CA ASN B 305 -38.89 17.85 -7.78
C ASN B 305 -38.80 17.90 -6.23
N GLU B 306 -37.90 17.08 -5.62
CA GLU B 306 -37.64 17.11 -4.19
C GLU B 306 -36.50 18.11 -4.01
N LEU B 307 -35.61 18.17 -5.01
CA LEU B 307 -34.48 19.09 -5.16
C LEU B 307 -35.01 20.06 -6.25
N LYS B 308 -35.11 21.36 -5.93
CA LYS B 308 -35.57 22.40 -6.87
C LYS B 308 -34.38 22.90 -7.69
N THR B 309 -34.65 23.56 -8.85
CA THR B 309 -33.63 24.12 -9.76
C THR B 309 -32.54 24.91 -9.02
N LYS B 310 -32.97 25.77 -8.08
CA LYS B 310 -32.17 26.66 -7.24
C LYS B 310 -31.35 25.92 -6.19
N ASP B 311 -31.79 24.72 -5.78
CA ASP B 311 -31.09 23.93 -4.78
C ASP B 311 -29.78 23.41 -5.31
N LYS B 312 -28.84 23.22 -4.41
CA LYS B 312 -27.53 22.69 -4.74
C LYS B 312 -27.67 21.17 -4.78
N ASN B 313 -26.81 20.52 -5.58
CA ASN B 313 -26.77 19.08 -5.73
C ASN B 313 -26.37 18.40 -4.45
N LEU B 314 -26.96 17.24 -4.15
CA LEU B 314 -26.57 16.47 -2.98
C LEU B 314 -25.12 15.98 -3.21
N ASP B 315 -24.28 15.94 -2.17
CA ASP B 315 -22.92 15.40 -2.38
C ASP B 315 -22.86 13.90 -2.02
N GLY B 316 -21.72 13.28 -2.34
CA GLY B 316 -21.44 11.87 -2.08
C GLY B 316 -21.71 11.43 -0.66
N ASN B 317 -21.34 12.25 0.33
CA ASN B 317 -21.57 11.98 1.76
C ASN B 317 -23.05 11.97 2.10
N ASP B 318 -23.86 12.86 1.46
CA ASP B 318 -25.30 12.94 1.67
C ASP B 318 -25.91 11.65 1.18
N ILE B 319 -25.48 11.17 0.00
CA ILE B 319 -25.97 9.94 -0.61
C ILE B 319 -25.40 8.66 0.06
N ARG B 320 -24.17 8.67 0.53
CA ARG B 320 -23.59 7.47 1.13
C ARG B 320 -23.78 7.36 2.66
N GLU B 321 -24.61 8.23 3.26
CA GLU B 321 -24.90 8.13 4.69
C GLU B 321 -25.67 6.84 4.90
N GLY B 322 -25.12 5.94 5.71
CA GLY B 322 -25.71 4.64 6.03
C GLY B 322 -25.68 3.65 4.91
N LEU B 323 -24.90 3.95 3.87
CA LEU B 323 -24.83 3.07 2.73
C LEU B 323 -23.81 1.97 2.84
N THR B 324 -24.28 0.72 2.68
CA THR B 324 -23.46 -0.46 2.61
C THR B 324 -23.51 -0.93 1.14
N ALA B 325 -22.35 -1.14 0.51
CA ALA B 325 -22.33 -1.61 -0.89
C ALA B 325 -21.19 -2.54 -1.23
N VAL B 326 -21.42 -3.45 -2.18
CA VAL B 326 -20.41 -4.34 -2.71
C VAL B 326 -20.25 -3.98 -4.18
N VAL B 327 -19.01 -3.74 -4.62
CA VAL B 327 -18.70 -3.42 -6.01
C VAL B 327 -17.73 -4.53 -6.47
N SER B 328 -18.21 -5.44 -7.34
CA SER B 328 -17.39 -6.54 -7.80
C SER B 328 -17.14 -6.51 -9.28
N VAL B 329 -15.86 -6.39 -9.72
CA VAL B 329 -15.60 -6.35 -11.18
C VAL B 329 -14.68 -7.49 -11.69
N ARG B 330 -14.86 -7.89 -12.96
CA ARG B 330 -14.06 -8.89 -13.63
C ARG B 330 -13.36 -8.19 -14.80
N ILE B 331 -12.03 -8.06 -14.71
CA ILE B 331 -11.21 -7.34 -15.70
C ILE B 331 -10.23 -8.27 -16.44
N PRO B 332 -10.22 -8.23 -17.80
CA PRO B 332 -9.26 -9.07 -18.57
C PRO B 332 -7.84 -8.71 -18.19
N GLU B 333 -6.94 -9.72 -18.01
CA GLU B 333 -5.54 -9.55 -17.59
C GLU B 333 -4.78 -8.43 -18.33
N GLU B 334 -5.11 -8.23 -19.61
CA GLU B 334 -4.52 -7.21 -20.47
C GLU B 334 -4.82 -5.79 -20.00
N LEU B 335 -5.92 -5.61 -19.25
CA LEU B 335 -6.37 -4.31 -18.74
C LEU B 335 -5.98 -4.02 -17.28
N LEU B 336 -5.58 -5.05 -16.50
CA LEU B 336 -5.19 -4.93 -15.08
C LEU B 336 -4.02 -3.97 -14.81
N GLN B 337 -4.20 -3.09 -13.80
CA GLN B 337 -3.22 -2.10 -13.34
C GLN B 337 -3.56 -1.76 -11.87
N PHE B 338 -2.56 -1.75 -10.98
CA PHE B 338 -2.74 -1.47 -9.55
C PHE B 338 -1.78 -0.36 -9.03
N THR B 342 0.22 -3.71 -1.57
CA THR B 342 -0.13 -3.42 -2.96
C THR B 342 -1.12 -4.48 -3.48
N LYS B 343 -1.70 -4.24 -4.69
CA LYS B 343 -2.75 -5.03 -5.36
C LYS B 343 -4.09 -4.89 -4.59
N SER B 344 -4.14 -3.86 -3.74
CA SER B 344 -5.26 -3.50 -2.89
C SER B 344 -6.02 -2.27 -3.42
N LYS B 345 -5.46 -1.58 -4.45
CA LYS B 345 -6.09 -0.43 -5.09
C LYS B 345 -6.06 -0.62 -6.61
N LEU B 346 -7.21 -0.46 -7.29
CA LEU B 346 -7.28 -0.62 -8.73
C LEU B 346 -6.98 0.67 -9.46
N GLY B 347 -6.14 0.57 -10.50
CA GLY B 347 -5.72 1.70 -11.31
C GLY B 347 -6.30 1.72 -12.72
N THR B 348 -6.79 0.55 -13.23
CA THR B 348 -7.40 0.37 -14.57
C THR B 348 -8.41 1.49 -14.86
N SER B 349 -8.03 2.46 -15.73
CA SER B 349 -8.86 3.62 -16.08
C SER B 349 -10.26 3.24 -16.59
N GLU B 350 -10.35 2.20 -17.43
CA GLU B 350 -11.61 1.76 -18.04
C GLU B 350 -12.60 1.13 -17.03
N ALA B 351 -12.14 0.78 -15.81
CA ALA B 351 -13.04 0.21 -14.79
C ALA B 351 -13.89 1.30 -14.18
N ARG B 352 -13.42 2.57 -14.22
CA ARG B 352 -14.20 3.70 -13.72
C ARG B 352 -15.44 3.93 -14.62
N SER B 353 -15.19 4.08 -15.96
CA SER B 353 -16.24 4.27 -16.98
C SER B 353 -17.19 3.06 -17.02
N ALA B 354 -16.65 1.84 -16.84
CA ALA B 354 -17.45 0.59 -16.85
C ALA B 354 -18.47 0.54 -15.72
N VAL B 355 -18.03 0.79 -14.46
CA VAL B 355 -18.90 0.76 -13.28
C VAL B 355 -19.90 1.90 -13.34
N ASP B 356 -19.43 3.10 -13.67
CA ASP B 356 -20.25 4.28 -13.82
C ASP B 356 -21.37 4.01 -14.85
N SER B 357 -21.00 3.45 -16.02
CA SER B 357 -21.92 3.15 -17.13
C SER B 357 -23.02 2.15 -16.72
N VAL B 358 -22.65 1.05 -16.05
CA VAL B 358 -23.58 0.01 -15.56
C VAL B 358 -24.55 0.61 -14.46
N VAL B 359 -24.02 1.43 -13.55
CA VAL B 359 -24.88 2.05 -12.53
C VAL B 359 -25.82 3.10 -13.22
N ALA B 360 -25.28 3.93 -14.14
CA ALA B 360 -26.06 4.95 -14.86
C ALA B 360 -27.20 4.30 -15.65
N ASP B 361 -26.94 3.13 -16.24
CA ASP B 361 -27.89 2.35 -17.00
C ASP B 361 -28.95 1.69 -16.09
N LYS B 362 -28.55 0.97 -15.03
CA LYS B 362 -29.48 0.22 -14.20
C LYS B 362 -30.13 0.93 -13.01
N LEU B 363 -29.43 1.85 -12.33
CA LEU B 363 -30.04 2.50 -11.15
C LEU B 363 -31.32 3.32 -11.47
N PRO B 364 -31.41 4.14 -12.57
CA PRO B 364 -32.66 4.88 -12.85
C PRO B 364 -33.92 4.02 -12.85
N PHE B 365 -33.85 2.82 -13.46
CA PHE B 365 -34.94 1.85 -13.53
C PHE B 365 -35.35 1.45 -12.12
N TYR B 366 -34.37 1.07 -11.26
CA TYR B 366 -34.61 0.69 -9.87
C TYR B 366 -35.30 1.83 -9.13
N LEU B 367 -34.84 3.06 -9.33
CA LEU B 367 -35.45 4.20 -8.65
C LEU B 367 -36.88 4.45 -9.12
N GLU B 368 -37.14 4.34 -10.44
CA GLU B 368 -38.47 4.53 -11.03
C GLU B 368 -39.45 3.46 -10.50
N GLU B 369 -39.02 2.16 -10.53
CA GLU B 369 -39.81 1.02 -10.08
C GLU B 369 -40.13 1.03 -8.57
N LYS B 370 -39.20 1.49 -7.73
CA LYS B 370 -39.41 1.51 -6.27
C LYS B 370 -39.72 2.94 -5.81
N GLY B 371 -40.67 3.56 -6.49
CA GLY B 371 -41.17 4.92 -6.31
C GLY B 371 -41.16 5.52 -4.92
N GLN B 372 -41.97 4.96 -4.00
CA GLN B 372 -42.12 5.41 -2.62
C GLN B 372 -40.83 5.22 -1.80
N LEU B 373 -40.04 4.17 -2.08
CA LEU B 373 -38.78 3.92 -1.40
C LEU B 373 -37.76 4.98 -1.87
N SER B 374 -37.67 5.19 -3.20
CA SER B 374 -36.78 6.15 -3.87
C SER B 374 -36.98 7.54 -3.30
N LYS B 375 -38.26 7.99 -3.23
CA LYS B 375 -38.63 9.30 -2.70
C LYS B 375 -38.14 9.42 -1.26
N SER B 376 -38.37 8.41 -0.39
CA SER B 376 -37.89 8.48 1.00
C SER B 376 -36.34 8.52 1.08
N LEU B 377 -35.64 7.82 0.15
CA LEU B 377 -34.17 7.78 0.07
C LEU B 377 -33.64 9.14 -0.34
N VAL B 378 -34.40 9.86 -1.18
CA VAL B 378 -34.06 11.21 -1.66
C VAL B 378 -34.21 12.20 -0.49
N LYS B 379 -35.31 12.09 0.27
CA LYS B 379 -35.59 12.96 1.43
C LYS B 379 -34.55 12.76 2.53
N LYS B 380 -34.16 11.51 2.76
CA LYS B 380 -33.13 11.12 3.72
C LYS B 380 -31.82 11.84 3.31
N ALA B 381 -31.45 11.80 2.01
CA ALA B 381 -30.26 12.48 1.50
C ALA B 381 -30.33 14.00 1.69
N ILE B 382 -31.54 14.60 1.51
CA ILE B 382 -31.82 16.03 1.67
C ILE B 382 -31.64 16.42 3.14
N LYS B 383 -32.15 15.60 4.07
CA LYS B 383 -31.99 15.83 5.52
C LYS B 383 -30.48 15.83 5.89
N ALA B 384 -29.68 14.89 5.32
CA ALA B 384 -28.22 14.82 5.55
C ALA B 384 -27.56 16.11 5.02
N GLN B 385 -27.99 16.55 3.83
CA GLN B 385 -27.46 17.76 3.17
C GLN B 385 -27.75 19.02 3.98
N GLN B 386 -28.99 19.16 4.49
CA GLN B 386 -29.35 20.36 5.26
C GLN B 386 -28.74 20.35 6.68
N ALA B 387 -28.58 19.18 7.33
CA ALA B 387 -27.90 19.04 8.65
C ALA B 387 -26.41 19.41 8.48
N ARG B 388 -25.80 19.03 7.34
CA ARG B 388 -24.42 19.32 6.94
C ARG B 388 -24.24 20.86 6.72
N GLU B 389 -25.17 21.47 5.98
CA GLU B 389 -25.19 22.91 5.67
C GLU B 389 -25.38 23.76 6.95
N ALA B 390 -26.27 23.34 7.88
CA ALA B 390 -26.54 24.00 9.16
C ALA B 390 -25.27 24.08 10.00
N ALA B 391 -24.53 22.96 10.07
CA ALA B 391 -23.25 22.86 10.79
C ALA B 391 -22.21 23.78 10.10
N ARG B 392 -22.16 23.77 8.76
CA ARG B 392 -21.24 24.60 7.97
C ARG B 392 -21.52 26.10 8.17
N LYS B 393 -22.79 26.53 8.07
CA LYS B 393 -23.20 27.93 8.25
C LYS B 393 -22.91 28.43 9.67
N ALA B 394 -23.25 27.62 10.71
CA ALA B 394 -23.01 28.00 12.10
C ALA B 394 -21.51 28.14 12.40
N ARG B 395 -20.68 27.26 11.81
CA ARG B 395 -19.22 27.28 11.99
C ARG B 395 -18.63 28.56 11.37
N GLU B 396 -19.00 28.84 10.11
CA GLU B 396 -18.63 30.02 9.33
C GLU B 396 -19.09 31.33 10.09
N ASP B 397 -20.31 31.34 10.67
CA ASP B 397 -20.81 32.49 11.43
C ASP B 397 -20.00 32.72 12.70
N ALA B 398 -19.72 31.63 13.46
CA ALA B 398 -18.92 31.70 14.70
C ALA B 398 -17.52 32.28 14.43
N ARG B 399 -16.90 31.92 13.28
CA ARG B 399 -15.59 32.32 12.81
C ARG B 399 -15.48 33.81 12.46
#